data_2MWR
#
_entry.id   2MWR
#
_entity_poly.entity_id   1
_entity_poly.type   'polypeptide(L)'
_entity_poly.pdbx_seq_one_letter_code
;IYWIADQFGIHLATGTARKLLDAVASGASLGTAFAAILGVTLPAWALAAAGALGATAA
;
_entity_poly.pdbx_strand_id   A
#
# COMPACT_ATOMS: atom_id res chain seq x y z
N ILE A 1 7.06 0.25 -4.25
CA ILE A 1 6.12 1.18 -3.63
C ILE A 1 6.79 1.98 -2.52
N TYR A 2 7.75 1.35 -1.84
CA TYR A 2 8.47 2.00 -0.75
C TYR A 2 9.53 2.95 -1.29
N TRP A 3 9.68 2.96 -2.62
CA TRP A 3 10.67 3.82 -3.27
C TRP A 3 9.98 4.96 -4.01
N ILE A 4 8.79 4.68 -4.54
CA ILE A 4 8.04 5.69 -5.29
C ILE A 4 7.40 6.71 -4.33
N ALA A 5 7.07 6.25 -3.13
CA ALA A 5 6.45 7.13 -2.14
C ALA A 5 7.46 8.16 -1.62
N ASP A 6 8.74 7.88 -1.82
CA ASP A 6 9.80 8.78 -1.37
C ASP A 6 10.13 9.80 -2.46
N GLN A 7 10.69 9.31 -3.57
CA GLN A 7 11.06 10.18 -4.68
C GLN A 7 9.86 10.97 -5.18
N PHE A 8 8.86 10.26 -5.69
CA PHE A 8 7.66 10.89 -6.20
C PHE A 8 6.74 11.34 -5.05
N GLY A 9 6.13 10.37 -4.39
CA GLY A 9 5.24 10.67 -3.28
C GLY A 9 4.08 11.56 -3.70
N ILE A 10 3.54 11.29 -4.88
CA ILE A 10 2.41 12.07 -5.40
C ILE A 10 1.12 11.69 -4.70
N HIS A 11 1.07 10.47 -4.15
CA HIS A 11 -0.11 9.99 -3.46
C HIS A 11 0.16 9.85 -1.95
N LEU A 12 0.31 10.99 -1.29
CA LEU A 12 0.57 11.00 0.15
C LEU A 12 -0.71 10.76 0.94
N ALA A 13 -0.78 9.61 1.61
CA ALA A 13 -1.95 9.27 2.41
C ALA A 13 -1.68 9.49 3.90
N THR A 14 -1.75 10.75 4.32
CA THR A 14 -1.51 11.09 5.72
C THR A 14 -2.82 11.21 6.49
N GLY A 15 -3.84 10.49 6.02
CA GLY A 15 -5.14 10.52 6.67
C GLY A 15 -5.40 9.29 7.50
N THR A 16 -5.88 8.23 6.85
CA THR A 16 -6.18 6.98 7.53
C THR A 16 -5.13 5.91 7.21
N ALA A 17 -4.58 5.99 6.01
CA ALA A 17 -3.57 5.03 5.57
C ALA A 17 -2.40 4.98 6.55
N ARG A 18 -2.19 6.08 7.27
CA ARG A 18 -1.10 6.16 8.24
C ARG A 18 -1.22 5.06 9.29
N LYS A 19 -2.40 4.96 9.91
CA LYS A 19 -2.64 3.95 10.93
C LYS A 19 -2.40 2.55 10.37
N LEU A 20 -2.52 2.41 9.06
CA LEU A 20 -2.32 1.12 8.41
C LEU A 20 -0.84 0.89 8.13
N LEU A 21 -0.15 1.91 7.63
CA LEU A 21 1.26 1.81 7.32
C LEU A 21 2.07 1.47 8.57
N ASP A 22 1.47 1.70 9.73
CA ASP A 22 2.12 1.42 11.01
C ASP A 22 1.82 -0.01 11.46
N ALA A 23 1.21 -0.79 10.57
CA ALA A 23 0.87 -2.18 10.89
C ALA A 23 1.21 -3.10 9.72
N VAL A 24 0.84 -2.70 8.52
CA VAL A 24 1.11 -3.48 7.32
C VAL A 24 2.60 -3.72 7.15
N ALA A 25 3.40 -2.74 7.55
CA ALA A 25 4.85 -2.85 7.44
C ALA A 25 5.38 -4.05 8.20
N SER A 26 4.59 -4.52 9.17
CA SER A 26 4.98 -5.67 9.98
C SER A 26 4.22 -6.93 9.53
N GLY A 27 3.05 -6.72 8.94
CA GLY A 27 2.24 -7.84 8.49
C GLY A 27 1.09 -7.41 7.59
N ALA A 28 1.43 -6.99 6.38
CA ALA A 28 0.42 -6.55 5.42
C ALA A 28 -0.42 -7.72 4.92
N SER A 29 -1.43 -8.10 5.70
CA SER A 29 -2.29 -9.22 5.33
C SER A 29 -3.73 -8.74 5.13
N LEU A 30 -3.96 -7.46 5.38
CA LEU A 30 -5.29 -6.87 5.22
C LEU A 30 -5.81 -7.08 3.80
N GLY A 31 -7.11 -7.30 3.69
CA GLY A 31 -7.72 -7.52 2.38
C GLY A 31 -8.78 -6.49 2.07
N THR A 32 -9.31 -5.84 3.10
CA THR A 32 -10.35 -4.83 2.93
C THR A 32 -9.80 -3.43 3.18
N ALA A 33 -8.91 -3.31 4.17
CA ALA A 33 -8.33 -2.03 4.50
C ALA A 33 -7.23 -1.65 3.50
N PHE A 34 -6.65 -2.66 2.87
CA PHE A 34 -5.58 -2.43 1.89
C PHE A 34 -6.17 -2.02 0.54
N ALA A 35 -7.34 -2.57 0.22
CA ALA A 35 -8.00 -2.25 -1.05
C ALA A 35 -8.68 -0.89 -0.98
N ALA A 36 -8.98 -0.43 0.23
CA ALA A 36 -9.62 0.86 0.42
C ALA A 36 -8.62 1.99 0.32
N ILE A 37 -7.34 1.66 0.40
CA ILE A 37 -6.28 2.65 0.32
C ILE A 37 -5.58 2.60 -1.03
N LEU A 38 -5.55 1.42 -1.63
CA LEU A 38 -4.92 1.23 -2.94
C LEU A 38 -5.94 1.32 -4.06
N GLY A 39 -7.10 1.90 -3.75
CA GLY A 39 -8.16 2.03 -4.75
C GLY A 39 -8.38 3.48 -5.15
N VAL A 40 -7.79 4.40 -4.39
CA VAL A 40 -7.93 5.83 -4.68
C VAL A 40 -7.02 6.25 -5.81
N THR A 41 -5.88 5.59 -5.93
CA THR A 41 -4.91 5.90 -6.98
C THR A 41 -4.33 4.62 -7.58
N LEU A 42 -4.03 3.65 -6.73
CA LEU A 42 -3.48 2.38 -7.19
C LEU A 42 -4.55 1.52 -7.85
N PRO A 43 -4.11 0.54 -8.65
CA PRO A 43 -5.02 -0.38 -9.35
C PRO A 43 -5.72 -1.34 -8.40
N ALA A 44 -6.41 -2.32 -8.97
CA ALA A 44 -7.13 -3.31 -8.17
C ALA A 44 -6.37 -4.63 -8.12
N TRP A 45 -5.63 -4.93 -9.19
CA TRP A 45 -4.87 -6.16 -9.26
C TRP A 45 -3.73 -6.15 -8.25
N ALA A 46 -3.22 -4.96 -7.95
CA ALA A 46 -2.13 -4.82 -6.99
C ALA A 46 -2.44 -5.53 -5.69
N LEU A 47 -3.72 -5.61 -5.35
CA LEU A 47 -4.16 -6.28 -4.12
C LEU A 47 -3.80 -7.76 -4.15
N ALA A 48 -3.87 -8.36 -5.33
CA ALA A 48 -3.55 -9.77 -5.48
C ALA A 48 -2.05 -9.98 -5.58
N ALA A 49 -1.33 -8.95 -6.02
CA ALA A 49 0.12 -9.03 -6.15
C ALA A 49 0.80 -8.96 -4.80
N ALA A 50 0.16 -8.28 -3.85
CA ALA A 50 0.70 -8.14 -2.51
C ALA A 50 1.03 -9.50 -1.90
N GLY A 51 0.30 -10.52 -2.33
CA GLY A 51 0.53 -11.86 -1.82
C GLY A 51 1.94 -12.34 -2.05
N ALA A 52 2.32 -12.43 -3.33
CA ALA A 52 3.66 -12.87 -3.69
C ALA A 52 3.98 -12.54 -5.14
N LEU A 53 5.26 -12.55 -5.48
CA LEU A 53 5.70 -12.24 -6.83
C LEU A 53 5.26 -10.83 -7.25
N GLY A 54 5.52 -9.86 -6.39
CA GLY A 54 5.14 -8.49 -6.69
C GLY A 54 6.01 -7.48 -5.95
N ALA A 55 5.90 -6.22 -6.34
CA ALA A 55 6.67 -5.15 -5.72
C ALA A 55 6.45 -5.12 -4.21
N THR A 56 7.55 -5.18 -3.46
CA THR A 56 7.47 -5.16 -2.00
C THR A 56 8.14 -3.91 -1.44
N ALA A 57 9.14 -3.40 -2.14
CA ALA A 57 9.86 -2.21 -1.72
C ALA A 57 9.82 -1.13 -2.79
N ALA A 58 9.28 -1.48 -3.95
CA ALA A 58 9.18 -0.54 -5.06
C ALA A 58 8.26 0.63 -4.73
N ILE A 1 7.48 -0.46 -2.93
CA ILE A 1 6.32 0.40 -2.74
C ILE A 1 6.60 1.50 -1.72
N TYR A 2 7.40 1.17 -0.71
CA TYR A 2 7.75 2.12 0.33
C TYR A 2 8.82 3.09 -0.16
N TRP A 3 9.30 2.87 -1.38
CA TRP A 3 10.32 3.73 -1.97
C TRP A 3 9.74 4.60 -3.06
N ILE A 4 8.75 4.06 -3.77
CA ILE A 4 8.09 4.80 -4.86
C ILE A 4 7.19 5.90 -4.31
N ALA A 5 6.47 5.59 -3.23
CA ALA A 5 5.57 6.55 -2.62
C ALA A 5 6.31 7.80 -2.19
N ASP A 6 7.62 7.68 -2.02
CA ASP A 6 8.45 8.81 -1.61
C ASP A 6 8.91 9.61 -2.83
N GLN A 7 9.78 9.00 -3.63
CA GLN A 7 10.30 9.65 -4.83
C GLN A 7 9.16 10.13 -5.72
N PHE A 8 8.39 9.18 -6.24
CA PHE A 8 7.26 9.50 -7.11
C PHE A 8 6.05 9.95 -6.30
N GLY A 9 5.43 9.01 -5.60
CA GLY A 9 4.27 9.33 -4.80
C GLY A 9 2.97 9.17 -5.56
N ILE A 10 2.76 10.02 -6.56
CA ILE A 10 1.56 9.97 -7.38
C ILE A 10 0.31 10.17 -6.52
N HIS A 11 0.22 11.34 -5.88
CA HIS A 11 -0.93 11.66 -5.04
C HIS A 11 -1.17 10.55 -4.02
N LEU A 12 -0.10 9.89 -3.60
CA LEU A 12 -0.20 8.81 -2.64
C LEU A 12 -0.97 9.26 -1.40
N ALA A 13 -1.81 8.37 -0.87
CA ALA A 13 -2.61 8.69 0.32
C ALA A 13 -1.78 8.48 1.59
N THR A 14 -0.94 9.46 1.90
CA THR A 14 -0.10 9.39 3.10
C THR A 14 -0.75 10.10 4.28
N GLY A 15 -2.08 10.18 4.24
CA GLY A 15 -2.80 10.84 5.32
C GLY A 15 -3.21 9.87 6.42
N THR A 16 -4.15 8.99 6.10
CA THR A 16 -4.63 8.02 7.08
C THR A 16 -4.01 6.64 6.82
N ALA A 17 -3.77 6.34 5.55
CA ALA A 17 -3.19 5.05 5.18
C ALA A 17 -1.81 4.87 5.82
N ARG A 18 -1.20 5.98 6.22
CA ARG A 18 0.11 5.94 6.84
C ARG A 18 0.11 5.03 8.07
N LYS A 19 -0.83 5.28 8.98
CA LYS A 19 -0.95 4.48 10.19
C LYS A 19 -1.12 3.00 9.86
N LEU A 20 -1.67 2.72 8.68
CA LEU A 20 -1.90 1.34 8.24
C LEU A 20 -0.61 0.74 7.68
N LEU A 21 0.09 1.52 6.86
CA LEU A 21 1.33 1.05 6.26
C LEU A 21 2.43 0.93 7.30
N ASP A 22 2.18 1.47 8.49
CA ASP A 22 3.15 1.43 9.57
C ASP A 22 2.81 0.29 10.54
N ALA A 23 1.78 -0.48 10.21
CA ALA A 23 1.37 -1.60 11.04
C ALA A 23 1.23 -2.88 10.22
N VAL A 24 0.73 -2.75 9.00
CA VAL A 24 0.55 -3.89 8.12
C VAL A 24 1.90 -4.51 7.75
N ALA A 25 2.92 -3.68 7.64
CA ALA A 25 4.26 -4.14 7.29
C ALA A 25 4.75 -5.18 8.30
N SER A 26 4.18 -5.16 9.48
CA SER A 26 4.56 -6.11 10.54
C SER A 26 3.95 -7.48 10.28
N GLY A 27 2.70 -7.49 9.81
CA GLY A 27 2.03 -8.74 9.53
C GLY A 27 0.53 -8.57 9.38
N ALA A 28 0.10 -8.16 8.19
CA ALA A 28 -1.33 -7.95 7.93
C ALA A 28 -1.77 -8.75 6.71
N SER A 29 -2.47 -9.85 6.94
CA SER A 29 -2.95 -10.70 5.86
C SER A 29 -4.23 -10.14 5.27
N LEU A 30 -4.70 -9.03 5.81
CA LEU A 30 -5.92 -8.39 5.34
C LEU A 30 -5.88 -8.18 3.83
N GLY A 31 -7.03 -8.29 3.19
CA GLY A 31 -7.10 -8.11 1.74
C GLY A 31 -8.16 -7.12 1.33
N THR A 32 -9.27 -7.08 2.08
CA THR A 32 -10.36 -6.16 1.79
C THR A 32 -10.09 -4.78 2.37
N ALA A 33 -9.70 -4.75 3.64
CA ALA A 33 -9.41 -3.49 4.32
C ALA A 33 -8.35 -2.70 3.56
N PHE A 34 -7.37 -3.41 3.01
CA PHE A 34 -6.29 -2.76 2.27
C PHE A 34 -6.78 -2.28 0.91
N ALA A 35 -7.78 -2.97 0.37
CA ALA A 35 -8.35 -2.61 -0.92
C ALA A 35 -9.33 -1.45 -0.80
N ALA A 36 -9.86 -1.27 0.40
CA ALA A 36 -10.81 -0.19 0.66
C ALA A 36 -10.08 1.14 0.88
N ILE A 37 -8.76 1.07 1.06
CA ILE A 37 -7.96 2.26 1.28
C ILE A 37 -7.12 2.60 0.04
N LEU A 38 -6.77 1.57 -0.72
CA LEU A 38 -5.98 1.76 -1.93
C LEU A 38 -6.87 1.82 -3.16
N GLY A 39 -8.16 2.06 -2.94
CA GLY A 39 -9.09 2.15 -4.05
C GLY A 39 -9.62 3.56 -4.26
N VAL A 40 -9.33 4.44 -3.31
CA VAL A 40 -9.77 5.83 -3.40
C VAL A 40 -8.87 6.63 -4.33
N THR A 41 -7.60 6.26 -4.37
CA THR A 41 -6.62 6.95 -5.21
C THR A 41 -5.70 5.96 -5.90
N LEU A 42 -5.27 4.93 -5.16
CA LEU A 42 -4.38 3.92 -5.70
C LEU A 42 -5.14 2.97 -6.63
N PRO A 43 -4.39 2.26 -7.49
CA PRO A 43 -4.98 1.30 -8.44
C PRO A 43 -5.53 0.07 -7.75
N ALA A 44 -5.90 -0.93 -8.54
CA ALA A 44 -6.45 -2.18 -8.00
C ALA A 44 -5.43 -3.30 -8.08
N TRP A 45 -4.54 -3.23 -9.06
CA TRP A 45 -3.51 -4.24 -9.25
C TRP A 45 -2.50 -4.20 -8.10
N ALA A 46 -2.30 -3.01 -7.53
CA ALA A 46 -1.36 -2.84 -6.44
C ALA A 46 -1.63 -3.84 -5.32
N LEU A 47 -2.90 -4.25 -5.19
CA LEU A 47 -3.29 -5.20 -4.16
C LEU A 47 -2.64 -6.56 -4.39
N ALA A 48 -2.68 -7.02 -5.64
CA ALA A 48 -2.09 -8.30 -6.00
C ALA A 48 -0.57 -8.22 -6.03
N ALA A 49 -0.05 -7.06 -6.45
CA ALA A 49 1.39 -6.86 -6.52
C ALA A 49 2.02 -6.88 -5.14
N ALA A 50 1.22 -6.57 -4.12
CA ALA A 50 1.71 -6.56 -2.75
C ALA A 50 2.40 -7.88 -2.40
N GLY A 51 1.97 -8.96 -3.05
CA GLY A 51 2.55 -10.26 -2.79
C GLY A 51 2.73 -11.07 -4.06
N ALA A 52 2.76 -10.39 -5.20
CA ALA A 52 2.93 -11.06 -6.49
C ALA A 52 4.38 -11.45 -6.71
N LEU A 53 5.21 -10.45 -7.04
CA LEU A 53 6.63 -10.69 -7.29
C LEU A 53 7.39 -10.84 -5.98
N GLY A 54 7.56 -9.74 -5.27
CA GLY A 54 8.27 -9.78 -4.00
C GLY A 54 8.68 -8.40 -3.53
N ALA A 55 7.80 -7.41 -3.73
CA ALA A 55 8.08 -6.04 -3.32
C ALA A 55 7.52 -5.76 -1.93
N THR A 56 8.42 -5.50 -0.99
CA THR A 56 8.02 -5.22 0.38
C THR A 56 8.37 -3.78 0.78
N ALA A 57 9.45 -3.27 0.21
CA ALA A 57 9.89 -1.91 0.49
C ALA A 57 9.89 -1.05 -0.77
N ALA A 58 9.82 -1.70 -1.93
CA ALA A 58 9.81 -1.01 -3.21
C ALA A 58 8.69 0.03 -3.25
N ILE A 1 7.13 -0.18 -4.32
CA ILE A 1 6.06 0.74 -3.99
C ILE A 1 6.43 1.59 -2.78
N TYR A 2 7.24 1.02 -1.89
CA TYR A 2 7.66 1.72 -0.68
C TYR A 2 8.77 2.72 -1.00
N TRP A 3 9.21 2.73 -2.25
CA TRP A 3 10.26 3.65 -2.68
C TRP A 3 9.70 4.73 -3.60
N ILE A 4 8.68 4.37 -4.37
CA ILE A 4 8.06 5.32 -5.30
C ILE A 4 7.16 6.29 -4.56
N ALA A 5 6.55 5.84 -3.47
CA ALA A 5 5.67 6.67 -2.67
C ALA A 5 6.45 7.78 -1.98
N ASP A 6 7.77 7.61 -1.91
CA ASP A 6 8.63 8.61 -1.27
C ASP A 6 9.15 9.61 -2.29
N GLN A 7 10.01 9.14 -3.18
CA GLN A 7 10.58 10.01 -4.22
C GLN A 7 9.48 10.71 -5.01
N PHE A 8 8.66 9.92 -5.70
CA PHE A 8 7.57 10.46 -6.50
C PHE A 8 6.39 10.86 -5.61
N GLY A 9 5.70 9.86 -5.08
CA GLY A 9 4.55 10.12 -4.23
C GLY A 9 3.38 10.71 -4.98
N ILE A 10 2.63 9.86 -5.67
CA ILE A 10 1.48 10.30 -6.44
C ILE A 10 0.19 10.14 -5.64
N HIS A 11 -0.38 11.26 -5.21
CA HIS A 11 -1.62 11.25 -4.44
C HIS A 11 -1.49 10.32 -3.24
N LEU A 12 -0.30 10.26 -2.67
CA LEU A 12 -0.05 9.41 -1.50
C LEU A 12 -1.04 9.71 -0.39
N ALA A 13 -1.60 8.66 0.20
CA ALA A 13 -2.56 8.81 1.29
C ALA A 13 -1.87 8.69 2.64
N THR A 14 -1.21 9.77 3.07
CA THR A 14 -0.51 9.78 4.35
C THR A 14 -1.39 10.39 5.45
N GLY A 15 -2.71 10.31 5.25
CA GLY A 15 -3.63 10.86 6.23
C GLY A 15 -4.06 9.82 7.25
N THR A 16 -4.48 8.66 6.78
CA THR A 16 -4.93 7.59 7.66
C THR A 16 -4.26 6.26 7.29
N ALA A 17 -4.14 6.01 6.00
CA ALA A 17 -3.51 4.78 5.52
C ALA A 17 -2.09 4.64 6.04
N ARG A 18 -1.49 5.78 6.41
CA ARG A 18 -0.13 5.78 6.93
C ARG A 18 -0.04 4.98 8.23
N LYS A 19 -0.96 5.24 9.14
CA LYS A 19 -0.98 4.56 10.43
C LYS A 19 -1.14 3.05 10.24
N LEU A 20 -1.74 2.67 9.11
CA LEU A 20 -1.96 1.26 8.80
C LEU A 20 -0.67 0.60 8.32
N LEU A 21 0.04 1.29 7.44
CA LEU A 21 1.30 0.77 6.90
C LEU A 21 2.36 0.68 7.99
N ASP A 22 2.10 1.33 9.12
CA ASP A 22 3.03 1.33 10.23
C ASP A 22 2.65 0.26 11.26
N ALA A 23 1.69 -0.58 10.89
CA ALA A 23 1.24 -1.65 11.78
C ALA A 23 1.08 -2.96 11.03
N VAL A 24 0.55 -2.87 9.80
CA VAL A 24 0.36 -4.06 8.98
C VAL A 24 1.69 -4.71 8.60
N ALA A 25 2.71 -3.87 8.41
CA ALA A 25 4.03 -4.35 8.06
C ALA A 25 4.54 -5.38 9.08
N SER A 26 4.01 -5.29 10.30
CA SER A 26 4.41 -6.20 11.37
C SER A 26 3.79 -7.58 11.17
N GLY A 27 2.57 -7.60 10.64
CA GLY A 27 1.88 -8.86 10.41
C GLY A 27 0.37 -8.69 10.32
N ALA A 28 -0.12 -8.33 9.14
CA ALA A 28 -1.54 -8.14 8.94
C ALA A 28 -2.03 -8.85 7.68
N SER A 29 -1.23 -8.78 6.62
CA SER A 29 -1.57 -9.42 5.35
C SER A 29 -2.97 -9.03 4.92
N LEU A 30 -3.40 -7.83 5.29
CA LEU A 30 -4.73 -7.34 4.93
C LEU A 30 -4.98 -7.48 3.44
N GLY A 31 -6.19 -7.90 3.08
CA GLY A 31 -6.53 -8.07 1.68
C GLY A 31 -7.94 -7.59 1.37
N THR A 32 -8.58 -6.97 2.35
CA THR A 32 -9.94 -6.45 2.18
C THR A 32 -10.01 -4.97 2.52
N ALA A 33 -9.27 -4.57 3.55
CA ALA A 33 -9.26 -3.17 3.99
C ALA A 33 -8.21 -2.37 3.21
N PHE A 34 -7.22 -3.08 2.66
CA PHE A 34 -6.16 -2.45 1.91
C PHE A 34 -6.63 -2.09 0.50
N ALA A 35 -7.54 -2.90 -0.03
CA ALA A 35 -8.06 -2.67 -1.38
C ALA A 35 -9.11 -1.56 -1.37
N ALA A 36 -9.71 -1.32 -0.22
CA ALA A 36 -10.72 -0.29 -0.08
C ALA A 36 -10.08 1.09 0.11
N ILE A 37 -8.79 1.10 0.39
CA ILE A 37 -8.07 2.34 0.60
C ILE A 37 -7.18 2.66 -0.60
N LEU A 38 -6.73 1.62 -1.29
CA LEU A 38 -5.88 1.80 -2.46
C LEU A 38 -6.70 1.79 -3.74
N GLY A 39 -8.01 1.97 -3.59
CA GLY A 39 -8.89 1.99 -4.75
C GLY A 39 -9.43 3.37 -5.05
N VAL A 40 -9.28 4.29 -4.09
CA VAL A 40 -9.75 5.65 -4.25
C VAL A 40 -8.84 6.45 -5.18
N THR A 41 -7.55 6.12 -5.17
CA THR A 41 -6.57 6.80 -6.01
C THR A 41 -5.60 5.82 -6.62
N LEU A 42 -5.17 4.85 -5.83
CA LEU A 42 -4.23 3.83 -6.30
C LEU A 42 -4.92 2.83 -7.22
N PRO A 43 -4.12 2.12 -8.02
CA PRO A 43 -4.63 1.12 -8.97
C PRO A 43 -5.17 -0.12 -8.26
N ALA A 44 -5.49 -1.16 -9.03
CA ALA A 44 -6.02 -2.40 -8.47
C ALA A 44 -4.94 -3.48 -8.42
N TRP A 45 -4.04 -3.46 -9.39
CA TRP A 45 -2.96 -4.43 -9.45
C TRP A 45 -2.04 -4.30 -8.25
N ALA A 46 -1.88 -3.07 -7.77
CA ALA A 46 -1.02 -2.81 -6.61
C ALA A 46 -1.40 -3.70 -5.43
N LEU A 47 -2.67 -4.10 -5.38
CA LEU A 47 -3.16 -4.96 -4.30
C LEU A 47 -2.62 -6.37 -4.44
N ALA A 48 -2.51 -6.83 -5.68
CA ALA A 48 -2.00 -8.17 -5.95
C ALA A 48 -0.48 -8.23 -5.82
N ALA A 49 0.16 -7.08 -6.01
CA ALA A 49 1.61 -7.00 -5.91
C ALA A 49 2.07 -7.12 -4.45
N ALA A 50 1.26 -6.60 -3.54
CA ALA A 50 1.58 -6.65 -2.12
C ALA A 50 1.76 -8.10 -1.65
N GLY A 51 0.94 -8.99 -2.20
CA GLY A 51 1.03 -10.39 -1.81
C GLY A 51 1.94 -11.18 -2.73
N ALA A 52 2.02 -10.77 -3.99
CA ALA A 52 2.86 -11.45 -4.96
C ALA A 52 4.33 -11.19 -4.69
N LEU A 53 5.20 -11.81 -5.50
CA LEU A 53 6.64 -11.64 -5.34
C LEU A 53 7.21 -10.75 -6.44
N GLY A 54 6.51 -9.65 -6.72
CA GLY A 54 6.96 -8.73 -7.75
C GLY A 54 7.49 -7.44 -7.17
N ALA A 55 6.74 -6.84 -6.25
CA ALA A 55 7.14 -5.59 -5.62
C ALA A 55 6.57 -5.48 -4.22
N THR A 56 7.46 -5.55 -3.22
CA THR A 56 7.05 -5.46 -1.82
C THR A 56 7.61 -4.20 -1.17
N ALA A 57 8.74 -3.73 -1.68
CA ALA A 57 9.38 -2.54 -1.15
C ALA A 57 9.59 -1.49 -2.22
N ALA A 58 9.26 -1.84 -3.46
CA ALA A 58 9.41 -0.93 -4.59
C ALA A 58 8.40 0.21 -4.50
N ILE A 1 6.91 1.16 -3.31
CA ILE A 1 6.28 2.38 -2.83
C ILE A 1 7.27 3.24 -2.04
N TYR A 2 8.25 2.60 -1.43
CA TYR A 2 9.26 3.30 -0.65
C TYR A 2 10.34 3.89 -1.54
N TRP A 3 10.20 3.65 -2.85
CA TRP A 3 11.17 4.15 -3.82
C TRP A 3 10.54 5.22 -4.71
N ILE A 4 9.28 5.02 -5.07
CA ILE A 4 8.57 5.97 -5.91
C ILE A 4 8.37 7.30 -5.18
N ALA A 5 8.11 7.23 -3.89
CA ALA A 5 7.91 8.43 -3.09
C ALA A 5 9.16 9.30 -3.07
N ASP A 6 10.29 8.72 -3.45
CA ASP A 6 11.56 9.44 -3.48
C ASP A 6 11.74 10.15 -4.81
N GLN A 7 12.05 9.39 -5.85
CA GLN A 7 12.25 9.96 -7.18
C GLN A 7 11.07 10.83 -7.58
N PHE A 8 9.90 10.21 -7.72
CA PHE A 8 8.70 10.94 -8.11
C PHE A 8 8.11 11.69 -6.92
N GLY A 9 7.57 10.95 -5.96
CA GLY A 9 6.99 11.57 -4.79
C GLY A 9 5.49 11.76 -4.92
N ILE A 10 4.75 10.66 -4.76
CA ILE A 10 3.30 10.71 -4.86
C ILE A 10 2.67 11.17 -3.55
N HIS A 11 1.52 11.82 -3.65
CA HIS A 11 0.82 12.32 -2.48
C HIS A 11 0.11 11.17 -1.74
N LEU A 12 0.90 10.30 -1.12
CA LEU A 12 0.34 9.17 -0.39
C LEU A 12 -0.60 9.64 0.71
N ALA A 13 -1.62 8.83 0.99
CA ALA A 13 -2.59 9.17 2.02
C ALA A 13 -2.10 8.74 3.40
N THR A 14 -1.36 9.62 4.05
CA THR A 14 -0.82 9.34 5.38
C THR A 14 -1.73 9.88 6.47
N GLY A 15 -3.01 10.01 6.15
CA GLY A 15 -3.97 10.51 7.12
C GLY A 15 -4.81 9.40 7.73
N THR A 16 -5.37 8.55 6.89
CA THR A 16 -6.19 7.45 7.36
C THR A 16 -5.57 6.11 7.02
N ALA A 17 -4.71 6.09 6.01
CA ALA A 17 -4.04 4.87 5.59
C ALA A 17 -2.73 4.68 6.34
N ARG A 18 -2.23 5.76 6.93
CA ARG A 18 -0.98 5.70 7.69
C ARG A 18 -1.05 4.63 8.76
N LYS A 19 -2.21 4.50 9.39
CA LYS A 19 -2.40 3.50 10.44
C LYS A 19 -2.26 2.09 9.89
N LEU A 20 -2.78 1.87 8.69
CA LEU A 20 -2.71 0.56 8.05
C LEU A 20 -1.28 0.25 7.61
N LEU A 21 -0.66 1.21 6.93
CA LEU A 21 0.71 1.05 6.46
C LEU A 21 1.67 0.77 7.61
N ASP A 22 1.28 1.20 8.81
CA ASP A 22 2.10 1.00 10.00
C ASP A 22 1.88 -0.40 10.57
N ALA A 23 1.04 -1.18 9.90
CA ALA A 23 0.74 -2.53 10.35
C ALA A 23 1.01 -3.54 9.24
N VAL A 24 0.47 -3.28 8.06
CA VAL A 24 0.64 -4.16 6.91
C VAL A 24 2.12 -4.35 6.59
N ALA A 25 2.93 -3.35 6.91
CA ALA A 25 4.35 -3.41 6.65
C ALA A 25 5.07 -4.28 7.68
N SER A 26 4.31 -4.77 8.66
CA SER A 26 4.87 -5.62 9.70
C SER A 26 4.31 -7.04 9.61
N GLY A 27 3.18 -7.18 8.93
CA GLY A 27 2.57 -8.49 8.78
C GLY A 27 1.87 -8.65 7.44
N ALA A 28 1.20 -7.59 6.99
CA ALA A 28 0.49 -7.62 5.73
C ALA A 28 -0.54 -8.75 5.70
N SER A 29 -1.47 -8.71 6.64
CA SER A 29 -2.51 -9.74 6.73
C SER A 29 -3.82 -9.24 6.10
N LEU A 30 -4.21 -8.02 6.44
CA LEU A 30 -5.43 -7.43 5.91
C LEU A 30 -5.46 -7.53 4.38
N GLY A 31 -6.66 -7.64 3.82
CA GLY A 31 -6.80 -7.73 2.38
C GLY A 31 -7.82 -6.75 1.84
N THR A 32 -8.88 -6.53 2.60
CA THR A 32 -9.94 -5.62 2.19
C THR A 32 -9.61 -4.19 2.56
N ALA A 33 -9.16 -3.99 3.80
CA ALA A 33 -8.79 -2.66 4.27
C ALA A 33 -7.73 -2.03 3.38
N PHE A 34 -6.84 -2.86 2.86
CA PHE A 34 -5.76 -2.37 2.00
C PHE A 34 -6.29 -2.07 0.60
N ALA A 35 -7.31 -2.82 0.18
CA ALA A 35 -7.91 -2.62 -1.14
C ALA A 35 -8.82 -1.39 -1.15
N ALA A 36 -9.33 -1.03 0.02
CA ALA A 36 -10.22 0.12 0.15
C ALA A 36 -9.43 1.42 0.17
N ILE A 37 -8.13 1.32 0.44
CA ILE A 37 -7.27 2.50 0.50
C ILE A 37 -6.47 2.63 -0.79
N LEU A 38 -6.21 1.51 -1.45
CA LEU A 38 -5.45 1.51 -2.69
C LEU A 38 -6.38 1.59 -3.90
N GLY A 39 -7.64 1.95 -3.65
CA GLY A 39 -8.61 2.06 -4.72
C GLY A 39 -8.96 3.50 -5.03
N VAL A 40 -8.60 4.41 -4.14
CA VAL A 40 -8.89 5.82 -4.32
C VAL A 40 -7.98 6.42 -5.39
N THR A 41 -6.76 5.90 -5.49
CA THR A 41 -5.80 6.39 -6.46
C THR A 41 -5.05 5.24 -7.12
N LEU A 42 -4.67 4.25 -6.31
CA LEU A 42 -3.94 3.09 -6.82
C LEU A 42 -4.87 2.17 -7.61
N PRO A 43 -4.26 1.30 -8.44
CA PRO A 43 -5.02 0.35 -9.27
C PRO A 43 -5.67 -0.75 -8.44
N ALA A 44 -6.20 -1.76 -9.11
CA ALA A 44 -6.86 -2.88 -8.44
C ALA A 44 -5.98 -4.13 -8.48
N TRP A 45 -5.14 -4.22 -9.50
CA TRP A 45 -4.25 -5.37 -9.65
C TRP A 45 -3.18 -5.37 -8.55
N ALA A 46 -2.79 -4.18 -8.11
CA ALA A 46 -1.78 -4.05 -7.07
C ALA A 46 -2.18 -4.80 -5.82
N LEU A 47 -3.49 -5.01 -5.64
CA LEU A 47 -4.01 -5.72 -4.49
C LEU A 47 -3.74 -7.22 -4.60
N ALA A 48 -3.84 -7.74 -5.82
CA ALA A 48 -3.60 -9.16 -6.06
C ALA A 48 -2.11 -9.48 -6.03
N ALA A 49 -1.29 -8.47 -6.32
CA ALA A 49 0.16 -8.65 -6.33
C ALA A 49 0.70 -8.80 -4.92
N ALA A 50 0.00 -8.20 -3.96
CA ALA A 50 0.42 -8.27 -2.56
C ALA A 50 0.22 -9.68 -1.99
N GLY A 51 -0.79 -10.38 -2.51
CA GLY A 51 -1.06 -11.73 -2.05
C GLY A 51 0.16 -12.63 -2.10
N ALA A 52 0.90 -12.54 -3.20
CA ALA A 52 2.11 -13.35 -3.37
C ALA A 52 3.33 -12.63 -2.83
N LEU A 53 3.50 -11.37 -3.21
CA LEU A 53 4.64 -10.57 -2.76
C LEU A 53 4.24 -9.12 -2.57
N GLY A 54 4.22 -8.66 -1.32
CA GLY A 54 3.86 -7.29 -1.03
C GLY A 54 4.82 -6.29 -1.63
N ALA A 55 4.59 -5.01 -1.37
CA ALA A 55 5.44 -3.96 -1.90
C ALA A 55 6.87 -4.12 -1.43
N THR A 56 7.73 -4.64 -2.31
CA THR A 56 9.13 -4.85 -1.98
C THR A 56 9.91 -3.55 -2.01
N ALA A 57 9.54 -2.62 -1.14
CA ALA A 57 10.20 -1.32 -1.08
C ALA A 57 10.02 -0.54 -2.37
N ALA A 58 8.94 -0.84 -3.09
CA ALA A 58 8.64 -0.16 -4.35
C ALA A 58 8.01 1.20 -4.09
N ILE A 1 6.41 1.07 -3.35
CA ILE A 1 5.57 2.00 -2.60
C ILE A 1 6.38 2.77 -1.58
N TYR A 2 7.45 2.14 -1.07
CA TYR A 2 8.30 2.77 -0.07
C TYR A 2 9.26 3.77 -0.73
N TRP A 3 9.20 3.85 -2.05
CA TRP A 3 10.06 4.76 -2.80
C TRP A 3 9.25 5.91 -3.40
N ILE A 4 8.02 5.62 -3.79
CA ILE A 4 7.14 6.62 -4.37
C ILE A 4 6.65 7.60 -3.32
N ALA A 5 6.43 7.10 -2.10
CA ALA A 5 5.97 7.93 -1.01
C ALA A 5 7.02 8.97 -0.62
N ASP A 6 8.26 8.73 -1.03
CA ASP A 6 9.35 9.65 -0.74
C ASP A 6 9.47 10.73 -1.82
N GLN A 7 9.95 10.33 -2.99
CA GLN A 7 10.11 11.25 -4.10
C GLN A 7 8.82 12.01 -4.37
N PHE A 8 7.77 11.29 -4.75
CA PHE A 8 6.48 11.91 -5.03
C PHE A 8 5.75 12.25 -3.74
N GLY A 9 5.36 11.22 -2.98
CA GLY A 9 4.66 11.45 -1.74
C GLY A 9 3.41 12.27 -1.92
N ILE A 10 2.42 11.70 -2.60
CA ILE A 10 1.15 12.39 -2.84
C ILE A 10 0.57 12.94 -1.55
N HIS A 11 0.08 14.17 -1.59
CA HIS A 11 -0.52 14.80 -0.42
C HIS A 11 -1.58 13.90 0.20
N LEU A 12 -2.33 13.20 -0.65
CA LEU A 12 -3.38 12.31 -0.18
C LEU A 12 -2.84 11.33 0.86
N ALA A 13 -1.97 10.43 0.42
CA ALA A 13 -1.37 9.43 1.31
C ALA A 13 -0.15 10.00 2.03
N THR A 14 -0.34 11.14 2.69
CA THR A 14 0.74 11.79 3.42
C THR A 14 0.78 11.34 4.87
N GLY A 15 0.47 10.07 5.10
CA GLY A 15 0.47 9.53 6.45
C GLY A 15 -0.72 8.64 6.72
N THR A 16 -1.03 7.76 5.78
CA THR A 16 -2.16 6.85 5.93
C THR A 16 -1.73 5.41 5.65
N ALA A 17 -1.16 5.18 4.48
CA ALA A 17 -0.71 3.84 4.10
C ALA A 17 0.43 3.37 5.00
N ARG A 18 1.16 4.33 5.56
CA ARG A 18 2.29 4.02 6.43
C ARG A 18 1.84 3.15 7.60
N LYS A 19 0.79 3.57 8.28
CA LYS A 19 0.27 2.84 9.43
C LYS A 19 -0.11 1.41 9.02
N LEU A 20 -0.39 1.22 7.74
CA LEU A 20 -0.76 -0.10 7.23
C LEU A 20 0.48 -0.92 6.90
N LEU A 21 1.43 -0.29 6.20
CA LEU A 21 2.67 -0.96 5.82
C LEU A 21 3.53 -1.26 7.04
N ASP A 22 3.20 -0.61 8.14
CA ASP A 22 3.95 -0.80 9.38
C ASP A 22 3.24 -1.81 10.29
N ALA A 23 2.22 -2.48 9.75
CA ALA A 23 1.47 -3.46 10.50
C ALA A 23 1.25 -4.73 9.69
N VAL A 24 0.98 -4.56 8.39
CA VAL A 24 0.75 -5.69 7.50
C VAL A 24 2.00 -6.56 7.40
N ALA A 25 3.17 -5.94 7.46
CA ALA A 25 4.43 -6.66 7.38
C ALA A 25 4.53 -7.72 8.48
N SER A 26 3.78 -7.51 9.56
CA SER A 26 3.79 -8.45 10.67
C SER A 26 2.38 -8.97 10.96
N GLY A 27 1.52 -8.90 9.95
CA GLY A 27 0.15 -9.37 10.12
C GLY A 27 -0.81 -8.70 9.15
N ALA A 28 -0.59 -8.93 7.85
CA ALA A 28 -1.44 -8.34 6.82
C ALA A 28 -2.83 -8.98 6.83
N SER A 29 -3.69 -8.50 7.72
CA SER A 29 -5.05 -9.03 7.82
C SER A 29 -6.01 -8.22 6.96
N LEU A 30 -5.51 -7.14 6.37
CA LEU A 30 -6.33 -6.29 5.51
C LEU A 30 -6.94 -7.09 4.36
N GLY A 31 -7.69 -6.41 3.51
CA GLY A 31 -8.31 -7.07 2.37
C GLY A 31 -9.50 -6.29 1.83
N THR A 32 -10.07 -5.43 2.66
CA THR A 32 -11.22 -4.62 2.25
C THR A 32 -10.86 -3.14 2.21
N ALA A 33 -9.97 -2.73 3.10
CA ALA A 33 -9.54 -1.34 3.16
C ALA A 33 -8.31 -1.10 2.28
N PHE A 34 -7.55 -2.16 2.04
CA PHE A 34 -6.35 -2.07 1.21
C PHE A 34 -6.72 -1.70 -0.23
N ALA A 35 -7.91 -2.12 -0.65
CA ALA A 35 -8.38 -1.82 -2.00
C ALA A 35 -8.86 -0.38 -2.12
N ALA A 36 -9.25 0.20 -1.00
CA ALA A 36 -9.74 1.57 -0.97
C ALA A 36 -8.58 2.56 -1.00
N ILE A 37 -7.38 2.08 -0.69
CA ILE A 37 -6.19 2.92 -0.66
C ILE A 37 -5.35 2.70 -1.91
N LEU A 38 -5.43 1.51 -2.48
CA LEU A 38 -4.68 1.17 -3.68
C LEU A 38 -5.55 1.30 -4.93
N GLY A 39 -6.66 2.03 -4.79
CA GLY A 39 -7.55 2.22 -5.91
C GLY A 39 -7.54 3.64 -6.43
N VAL A 40 -6.93 4.54 -5.66
CA VAL A 40 -6.84 5.95 -6.05
C VAL A 40 -5.79 6.15 -7.13
N THR A 41 -4.75 5.33 -7.11
CA THR A 41 -3.68 5.42 -8.08
C THR A 41 -3.22 4.03 -8.53
N LEU A 42 -3.12 3.11 -7.58
CA LEU A 42 -2.69 1.75 -7.88
C LEU A 42 -3.80 0.97 -8.57
N PRO A 43 -3.43 -0.12 -9.25
CA PRO A 43 -4.37 -0.97 -9.97
C PRO A 43 -5.28 -1.75 -9.03
N ALA A 44 -6.04 -2.68 -9.58
CA ALA A 44 -6.96 -3.50 -8.80
C ALA A 44 -6.40 -4.91 -8.60
N TRP A 45 -5.61 -5.37 -9.55
CA TRP A 45 -5.01 -6.70 -9.48
C TRP A 45 -3.97 -6.77 -8.38
N ALA A 46 -3.33 -5.64 -8.10
CA ALA A 46 -2.31 -5.57 -7.07
C ALA A 46 -2.82 -6.15 -5.75
N LEU A 47 -4.12 -6.04 -5.54
CA LEU A 47 -4.74 -6.54 -4.32
C LEU A 47 -4.56 -8.06 -4.20
N ALA A 48 -4.69 -8.74 -5.33
CA ALA A 48 -4.54 -10.20 -5.36
C ALA A 48 -3.12 -10.61 -4.96
N ALA A 49 -2.16 -9.74 -5.23
CA ALA A 49 -0.77 -10.01 -4.89
C ALA A 49 -0.47 -9.61 -3.45
N ALA A 50 -1.25 -8.68 -2.92
CA ALA A 50 -1.06 -8.21 -1.55
C ALA A 50 -1.01 -9.38 -0.57
N GLY A 51 -1.71 -10.46 -0.91
CA GLY A 51 -1.73 -11.63 -0.05
C GLY A 51 -0.34 -12.10 0.32
N ALA A 52 0.63 -11.84 -0.57
CA ALA A 52 2.01 -12.24 -0.33
C ALA A 52 2.98 -11.15 -0.76
N LEU A 53 4.27 -11.42 -0.63
CA LEU A 53 5.31 -10.47 -1.02
C LEU A 53 5.08 -9.97 -2.44
N GLY A 54 4.94 -8.66 -2.59
CA GLY A 54 4.73 -8.08 -3.90
C GLY A 54 5.52 -6.81 -4.12
N ALA A 55 5.09 -5.72 -3.47
CA ALA A 55 5.77 -4.44 -3.59
C ALA A 55 7.19 -4.53 -3.05
N THR A 56 8.15 -4.63 -3.96
CA THR A 56 9.56 -4.72 -3.57
C THR A 56 10.10 -3.35 -3.17
N ALA A 57 9.54 -2.78 -2.13
CA ALA A 57 9.97 -1.47 -1.65
C ALA A 57 9.71 -0.39 -2.68
N ALA A 58 8.71 -0.61 -3.53
CA ALA A 58 8.35 0.34 -4.57
C ALA A 58 7.50 1.48 -4.00
N ILE A 1 7.24 1.55 -3.96
CA ILE A 1 6.57 2.65 -3.29
C ILE A 1 7.49 3.30 -2.26
N TYR A 2 8.39 2.52 -1.70
CA TYR A 2 9.33 3.01 -0.69
C TYR A 2 10.50 3.74 -1.36
N TRP A 3 10.50 3.77 -2.68
CA TRP A 3 11.57 4.42 -3.44
C TRP A 3 11.05 5.67 -4.14
N ILE A 4 9.82 5.59 -4.65
CA ILE A 4 9.21 6.72 -5.34
C ILE A 4 8.99 7.90 -4.40
N ALA A 5 8.63 7.60 -3.15
CA ALA A 5 8.40 8.63 -2.15
C ALA A 5 9.66 9.45 -1.91
N ASP A 6 10.81 8.90 -2.30
CA ASP A 6 12.08 9.58 -2.13
C ASP A 6 12.35 10.52 -3.30
N GLN A 7 12.65 9.95 -4.46
CA GLN A 7 12.95 10.73 -5.65
C GLN A 7 11.78 11.67 -5.98
N PHE A 8 10.62 11.09 -6.29
CA PHE A 8 9.45 11.87 -6.63
C PHE A 8 8.82 12.46 -5.38
N GLY A 9 8.21 11.60 -4.55
CA GLY A 9 7.58 12.07 -3.33
C GLY A 9 6.09 12.29 -3.50
N ILE A 10 5.31 11.22 -3.32
CA ILE A 10 3.85 11.31 -3.46
C ILE A 10 3.20 11.51 -2.11
N HIS A 11 2.08 12.24 -2.09
CA HIS A 11 1.35 12.50 -0.86
C HIS A 11 0.17 11.54 -0.71
N LEU A 12 0.40 10.28 -1.06
CA LEU A 12 -0.65 9.26 -0.98
C LEU A 12 -1.02 9.00 0.48
N ALA A 13 -0.10 8.38 1.22
CA ALA A 13 -0.34 8.07 2.62
C ALA A 13 -0.14 9.30 3.50
N THR A 14 -0.92 10.35 3.23
CA THR A 14 -0.83 11.58 3.99
C THR A 14 -1.10 11.34 5.46
N GLY A 15 -1.71 10.21 5.77
CA GLY A 15 -2.00 9.88 7.16
C GLY A 15 -2.77 8.58 7.30
N THR A 16 -3.90 8.48 6.59
CA THR A 16 -4.72 7.28 6.64
C THR A 16 -3.90 6.04 6.36
N ALA A 17 -3.48 5.88 5.11
CA ALA A 17 -2.67 4.73 4.70
C ALA A 17 -1.47 4.55 5.63
N ARG A 18 -0.79 5.65 5.93
CA ARG A 18 0.38 5.61 6.80
C ARG A 18 0.05 4.91 8.12
N LYS A 19 -1.09 5.27 8.70
CA LYS A 19 -1.52 4.68 9.97
C LYS A 19 -1.72 3.18 9.82
N LEU A 20 -1.98 2.74 8.60
CA LEU A 20 -2.19 1.32 8.32
C LEU A 20 -0.88 0.61 8.07
N LEU A 21 -0.06 1.18 7.19
CA LEU A 21 1.24 0.60 6.86
C LEU A 21 2.12 0.49 8.10
N ASP A 22 1.79 1.27 9.12
CA ASP A 22 2.55 1.27 10.37
C ASP A 22 1.85 0.43 11.43
N ALA A 23 0.69 -0.12 11.06
CA ALA A 23 -0.08 -0.95 11.99
C ALA A 23 -0.21 -2.38 11.46
N VAL A 24 0.06 -2.56 10.17
CA VAL A 24 -0.02 -3.88 9.55
C VAL A 24 1.29 -4.63 9.67
N ALA A 25 2.40 -3.89 9.68
CA ALA A 25 3.71 -4.49 9.80
C ALA A 25 3.82 -5.36 11.04
N SER A 26 2.99 -5.07 12.04
CA SER A 26 2.98 -5.82 13.28
C SER A 26 2.33 -7.19 13.09
N GLY A 27 1.44 -7.29 12.10
CA GLY A 27 0.77 -8.54 11.83
C GLY A 27 -0.63 -8.33 11.26
N ALA A 28 -0.70 -8.11 9.95
CA ALA A 28 -1.98 -7.90 9.28
C ALA A 28 -1.97 -8.48 7.87
N SER A 29 -2.79 -9.50 7.65
CA SER A 29 -2.88 -10.14 6.35
C SER A 29 -4.23 -9.89 5.70
N LEU A 30 -4.85 -8.76 6.04
CA LEU A 30 -6.14 -8.39 5.49
C LEU A 30 -6.13 -8.47 3.96
N GLY A 31 -7.26 -8.88 3.39
CA GLY A 31 -7.36 -8.99 1.95
C GLY A 31 -8.46 -8.13 1.38
N THR A 32 -9.48 -7.86 2.20
CA THR A 32 -10.61 -7.05 1.77
C THR A 32 -10.44 -5.59 2.19
N ALA A 33 -9.99 -5.39 3.43
CA ALA A 33 -9.79 -4.05 3.95
C ALA A 33 -8.70 -3.32 3.17
N PHE A 34 -7.69 -4.07 2.74
CA PHE A 34 -6.58 -3.49 1.98
C PHE A 34 -7.05 -2.99 0.62
N ALA A 35 -8.11 -3.60 0.11
CA ALA A 35 -8.66 -3.22 -1.19
C ALA A 35 -9.52 -1.97 -1.07
N ALA A 36 -10.00 -1.70 0.15
CA ALA A 36 -10.83 -0.54 0.40
C ALA A 36 -10.00 0.73 0.53
N ILE A 37 -8.70 0.55 0.69
CA ILE A 37 -7.78 1.69 0.82
C ILE A 37 -6.96 1.88 -0.45
N LEU A 38 -6.74 0.78 -1.17
CA LEU A 38 -5.98 0.83 -2.41
C LEU A 38 -6.90 0.89 -3.62
N GLY A 39 -8.17 1.17 -3.37
CA GLY A 39 -9.14 1.26 -4.45
C GLY A 39 -9.57 2.68 -4.75
N VAL A 40 -9.23 3.60 -3.84
CA VAL A 40 -9.59 5.00 -4.01
C VAL A 40 -8.71 5.66 -5.07
N THR A 41 -7.48 5.16 -5.21
CA THR A 41 -6.54 5.70 -6.19
C THR A 41 -5.72 4.60 -6.84
N LEU A 42 -5.29 3.63 -6.02
CA LEU A 42 -4.50 2.51 -6.52
C LEU A 42 -5.36 1.55 -7.32
N PRO A 43 -4.70 0.72 -8.16
CA PRO A 43 -5.39 -0.26 -8.99
C PRO A 43 -5.98 -1.40 -8.18
N ALA A 44 -6.46 -2.43 -8.88
CA ALA A 44 -7.06 -3.58 -8.22
C ALA A 44 -6.11 -4.78 -8.23
N TRP A 45 -5.25 -4.83 -9.24
CA TRP A 45 -4.29 -5.91 -9.38
C TRP A 45 -3.25 -5.87 -8.26
N ALA A 46 -2.95 -4.66 -7.79
CA ALA A 46 -1.97 -4.47 -6.73
C ALA A 46 -2.33 -5.29 -5.50
N LEU A 47 -3.61 -5.60 -5.35
CA LEU A 47 -4.10 -6.38 -4.21
C LEU A 47 -3.72 -7.84 -4.37
N ALA A 48 -3.81 -8.35 -5.59
CA ALA A 48 -3.47 -9.75 -5.86
C ALA A 48 -1.97 -9.96 -5.84
N ALA A 49 -1.21 -8.89 -6.09
CA ALA A 49 0.24 -8.96 -6.10
C ALA A 49 0.79 -9.13 -4.68
N ALA A 50 0.01 -8.70 -3.70
CA ALA A 50 0.41 -8.81 -2.30
C ALA A 50 0.75 -10.25 -1.94
N GLY A 51 0.16 -11.20 -2.66
CA GLY A 51 0.42 -12.60 -2.40
C GLY A 51 1.46 -13.19 -3.34
N ALA A 52 1.66 -12.53 -4.48
CA ALA A 52 2.63 -13.00 -5.46
C ALA A 52 3.88 -12.14 -5.44
N LEU A 53 3.78 -10.94 -5.99
CA LEU A 53 4.92 -10.02 -6.04
C LEU A 53 4.51 -8.63 -5.59
N GLY A 54 4.37 -8.45 -4.28
CA GLY A 54 3.98 -7.16 -3.74
C GLY A 54 5.01 -6.08 -4.02
N ALA A 55 4.71 -4.86 -3.61
CA ALA A 55 5.62 -3.73 -3.81
C ALA A 55 7.00 -4.03 -3.25
N THR A 56 7.93 -4.37 -4.13
CA THR A 56 9.30 -4.68 -3.72
C THR A 56 10.08 -3.41 -3.40
N ALA A 57 9.61 -2.67 -2.40
CA ALA A 57 10.27 -1.44 -1.99
C ALA A 57 10.22 -0.39 -3.10
N ALA A 58 9.22 -0.52 -3.97
CA ALA A 58 9.05 0.41 -5.08
C ALA A 58 8.40 1.71 -4.61
N ILE A 1 6.94 0.23 -4.88
CA ILE A 1 5.85 1.09 -4.43
C ILE A 1 6.26 1.91 -3.21
N TYR A 2 7.14 1.32 -2.39
CA TYR A 2 7.61 2.00 -1.19
C TYR A 2 8.66 3.05 -1.53
N TRP A 3 9.03 3.12 -2.81
CA TRP A 3 10.02 4.07 -3.28
C TRP A 3 9.37 5.18 -4.10
N ILE A 4 8.33 4.82 -4.84
CA ILE A 4 7.62 5.79 -5.66
C ILE A 4 6.77 6.73 -4.82
N ALA A 5 6.14 6.19 -3.78
CA ALA A 5 5.31 6.99 -2.89
C ALA A 5 6.12 8.09 -2.23
N ASP A 6 7.44 7.92 -2.20
CA ASP A 6 8.33 8.90 -1.58
C ASP A 6 8.74 9.97 -2.60
N GLN A 7 9.57 9.57 -3.57
CA GLN A 7 10.03 10.49 -4.59
C GLN A 7 8.85 11.20 -5.26
N PHE A 8 8.01 10.42 -5.92
CA PHE A 8 6.85 10.97 -6.61
C PHE A 8 5.71 11.24 -5.63
N GLY A 9 5.10 10.17 -5.12
CA GLY A 9 4.01 10.30 -4.18
C GLY A 9 2.66 10.37 -4.87
N ILE A 10 2.55 11.25 -5.85
CA ILE A 10 1.29 11.42 -6.59
C ILE A 10 0.13 11.69 -5.65
N HIS A 11 0.27 12.74 -4.84
CA HIS A 11 -0.77 13.11 -3.89
C HIS A 11 -1.19 11.92 -3.04
N LEU A 12 -0.22 11.06 -2.72
CA LEU A 12 -0.48 9.87 -1.91
C LEU A 12 -1.16 10.25 -0.59
N ALA A 13 -2.23 9.55 -0.26
CA ALA A 13 -2.95 9.81 0.98
C ALA A 13 -2.34 9.07 2.15
N THR A 14 -1.22 9.59 2.66
CA THR A 14 -0.52 8.97 3.77
C THR A 14 -0.96 9.59 5.10
N GLY A 15 -2.17 10.15 5.13
CA GLY A 15 -2.68 10.76 6.33
C GLY A 15 -3.24 9.75 7.31
N THR A 16 -3.86 8.70 6.78
CA THR A 16 -4.45 7.66 7.60
C THR A 16 -3.77 6.32 7.38
N ALA A 17 -3.15 6.17 6.21
CA ALA A 17 -2.44 4.94 5.87
C ALA A 17 -1.36 4.62 6.89
N ARG A 18 -0.91 5.65 7.61
CA ARG A 18 0.13 5.47 8.61
C ARG A 18 -0.27 4.40 9.62
N LYS A 19 -1.55 4.36 9.96
CA LYS A 19 -2.05 3.37 10.91
C LYS A 19 -2.01 1.97 10.32
N LEU A 20 -2.06 1.89 9.00
CA LEU A 20 -2.04 0.61 8.30
C LEU A 20 -0.61 0.14 8.09
N LEU A 21 0.23 1.01 7.52
CA LEU A 21 1.63 0.68 7.28
C LEU A 21 2.35 0.32 8.58
N ASP A 22 1.79 0.76 9.70
CA ASP A 22 2.37 0.49 11.01
C ASP A 22 1.81 -0.81 11.59
N ALA A 23 1.07 -1.55 10.77
CA ALA A 23 0.48 -2.82 11.20
C ALA A 23 0.72 -3.91 10.18
N VAL A 24 0.61 -3.56 8.90
CA VAL A 24 0.81 -4.52 7.83
C VAL A 24 2.22 -5.10 7.85
N ALA A 25 3.17 -4.29 8.32
CA ALA A 25 4.56 -4.72 8.41
C ALA A 25 4.73 -5.85 9.43
N SER A 26 3.80 -5.91 10.38
CA SER A 26 3.84 -6.93 11.42
C SER A 26 2.86 -8.06 11.11
N GLY A 27 1.81 -7.75 10.35
CA GLY A 27 0.83 -8.75 10.00
C GLY A 27 -0.30 -8.18 9.17
N ALA A 28 -0.05 -7.98 7.88
CA ALA A 28 -1.05 -7.45 6.97
C ALA A 28 -2.18 -8.45 6.72
N SER A 29 -3.13 -8.51 7.64
CA SER A 29 -4.25 -9.44 7.53
C SER A 29 -5.43 -8.78 6.82
N LEU A 30 -5.60 -7.48 7.06
CA LEU A 30 -6.70 -6.74 6.46
C LEU A 30 -6.71 -6.93 4.94
N GLY A 31 -7.91 -6.94 4.36
CA GLY A 31 -8.03 -7.11 2.93
C GLY A 31 -8.85 -6.01 2.28
N THR A 32 -9.84 -5.50 3.01
CA THR A 32 -10.69 -4.44 2.49
C THR A 32 -10.08 -3.07 2.75
N ALA A 33 -9.68 -2.84 4.00
CA ALA A 33 -9.08 -1.56 4.38
C ALA A 33 -7.90 -1.22 3.49
N PHE A 34 -7.11 -2.23 3.12
CA PHE A 34 -5.95 -2.04 2.26
C PHE A 34 -6.38 -1.69 0.85
N ALA A 35 -7.56 -2.18 0.45
CA ALA A 35 -8.07 -1.92 -0.88
C ALA A 35 -8.77 -0.56 -0.96
N ALA A 36 -9.16 -0.05 0.20
CA ALA A 36 -9.82 1.25 0.28
C ALA A 36 -8.82 2.39 0.23
N ILE A 37 -7.55 2.07 0.50
CA ILE A 37 -6.49 3.06 0.49
C ILE A 37 -5.65 2.95 -0.78
N LEU A 38 -5.68 1.78 -1.40
CA LEU A 38 -4.91 1.54 -2.62
C LEU A 38 -5.83 1.52 -3.83
N GLY A 39 -7.13 1.38 -3.59
CA GLY A 39 -8.10 1.34 -4.67
C GLY A 39 -8.60 2.72 -5.06
N VAL A 40 -8.04 3.74 -4.40
CA VAL A 40 -8.43 5.12 -4.68
C VAL A 40 -7.43 5.81 -5.60
N THR A 41 -6.16 5.48 -5.41
CA THR A 41 -5.09 6.07 -6.23
C THR A 41 -4.19 5.00 -6.83
N LEU A 42 -3.86 3.99 -6.01
CA LEU A 42 -3.01 2.90 -6.45
C LEU A 42 -3.76 1.97 -7.41
N PRO A 43 -3.01 1.14 -8.15
CA PRO A 43 -3.57 0.19 -9.10
C PRO A 43 -4.33 -0.94 -8.41
N ALA A 44 -4.75 -1.93 -9.20
CA ALA A 44 -5.48 -3.08 -8.66
C ALA A 44 -4.55 -4.27 -8.45
N TRP A 45 -3.61 -4.45 -9.36
CA TRP A 45 -2.66 -5.54 -9.27
C TRP A 45 -1.85 -5.46 -7.97
N ALA A 46 -1.63 -4.24 -7.50
CA ALA A 46 -0.86 -4.02 -6.28
C ALA A 46 -1.42 -4.86 -5.14
N LEU A 47 -2.74 -4.92 -5.03
CA LEU A 47 -3.40 -5.69 -3.98
C LEU A 47 -2.99 -7.16 -4.05
N ALA A 48 -2.72 -7.64 -5.26
CA ALA A 48 -2.32 -9.02 -5.46
C ALA A 48 -0.83 -9.21 -5.18
N ALA A 49 -0.04 -8.20 -5.52
CA ALA A 49 1.40 -8.24 -5.30
C ALA A 49 1.73 -8.34 -3.82
N ALA A 50 0.83 -7.83 -2.98
CA ALA A 50 1.02 -7.85 -1.54
C ALA A 50 1.33 -9.28 -1.05
N GLY A 51 0.78 -10.27 -1.75
CA GLY A 51 1.00 -11.65 -1.38
C GLY A 51 1.44 -12.51 -2.55
N ALA A 52 2.30 -11.95 -3.40
CA ALA A 52 2.79 -12.67 -4.56
C ALA A 52 4.04 -12.01 -5.12
N LEU A 53 4.73 -12.71 -6.02
CA LEU A 53 5.94 -12.19 -6.63
C LEU A 53 5.66 -10.90 -7.41
N GLY A 54 6.42 -9.86 -7.09
CA GLY A 54 6.23 -8.58 -7.76
C GLY A 54 6.78 -7.41 -6.96
N ALA A 55 6.22 -6.23 -7.16
CA ALA A 55 6.67 -5.04 -6.46
C ALA A 55 6.36 -5.14 -4.97
N THR A 56 7.41 -5.07 -4.15
CA THR A 56 7.26 -5.15 -2.70
C THR A 56 7.79 -3.90 -2.02
N ALA A 57 8.87 -3.35 -2.56
CA ALA A 57 9.47 -2.14 -2.01
C ALA A 57 9.53 -1.03 -3.04
N ALA A 58 9.20 -1.36 -4.28
CA ALA A 58 9.21 -0.39 -5.37
C ALA A 58 8.17 0.70 -5.14
N ILE A 1 6.59 0.11 -2.93
CA ILE A 1 5.78 1.20 -2.42
C ILE A 1 6.60 2.17 -1.57
N TYR A 2 7.69 1.66 -0.99
CA TYR A 2 8.56 2.47 -0.15
C TYR A 2 9.48 3.33 -1.01
N TRP A 3 9.42 3.13 -2.32
CA TRP A 3 10.24 3.89 -3.26
C TRP A 3 9.39 4.87 -4.06
N ILE A 4 8.15 4.48 -4.34
CA ILE A 4 7.24 5.32 -5.10
C ILE A 4 6.70 6.46 -4.24
N ALA A 5 6.54 6.20 -2.96
CA ALA A 5 6.04 7.21 -2.02
C ALA A 5 7.03 8.36 -1.87
N ASP A 6 8.28 8.11 -2.26
CA ASP A 6 9.32 9.12 -2.17
C ASP A 6 9.43 9.92 -3.47
N GLN A 7 9.78 9.24 -4.55
CA GLN A 7 9.93 9.88 -5.85
C GLN A 7 8.61 10.52 -6.28
N PHE A 8 7.59 9.69 -6.47
CA PHE A 8 6.28 10.17 -6.89
C PHE A 8 5.53 10.79 -5.72
N GLY A 9 5.08 9.93 -4.80
CA GLY A 9 4.34 10.41 -3.64
C GLY A 9 3.19 11.33 -4.01
N ILE A 10 2.06 10.73 -4.35
CA ILE A 10 0.88 11.50 -4.72
C ILE A 10 -0.03 11.76 -3.52
N HIS A 11 0.51 12.47 -2.54
CA HIS A 11 -0.25 12.78 -1.33
C HIS A 11 -0.86 11.52 -0.73
N LEU A 12 -0.19 10.40 -0.90
CA LEU A 12 -0.67 9.12 -0.39
C LEU A 12 -0.76 9.16 1.14
N ALA A 13 -0.08 10.13 1.74
CA ALA A 13 -0.09 10.27 3.19
C ALA A 13 -1.40 10.90 3.67
N THR A 14 -2.51 10.26 3.35
CA THR A 14 -3.83 10.75 3.74
C THR A 14 -3.98 10.75 5.26
N GLY A 15 -3.06 10.08 5.94
CA GLY A 15 -3.11 10.02 7.40
C GLY A 15 -3.84 8.79 7.90
N THR A 16 -4.56 8.13 7.00
CA THR A 16 -5.32 6.93 7.37
C THR A 16 -4.55 5.66 6.99
N ALA A 17 -3.61 5.80 6.05
CA ALA A 17 -2.81 4.67 5.60
C ALA A 17 -1.56 4.51 6.46
N ARG A 18 -1.15 5.60 7.11
CA ARG A 18 0.03 5.58 7.95
C ARG A 18 -0.02 4.44 8.96
N LYS A 19 -1.23 4.14 9.44
CA LYS A 19 -1.43 3.06 10.40
C LYS A 19 -1.22 1.70 9.74
N LEU A 20 -1.69 1.56 8.50
CA LEU A 20 -1.56 0.31 7.77
C LEU A 20 -0.10 0.01 7.48
N LEU A 21 0.62 1.00 6.98
CA LEU A 21 2.04 0.84 6.67
C LEU A 21 2.83 0.42 7.90
N ASP A 22 2.29 0.73 9.08
CA ASP A 22 2.94 0.38 10.34
C ASP A 22 2.48 -0.99 10.82
N ALA A 23 1.82 -1.74 9.94
CA ALA A 23 1.33 -3.07 10.29
C ALA A 23 1.62 -4.07 9.16
N VAL A 24 1.45 -3.62 7.93
CA VAL A 24 1.69 -4.47 6.77
C VAL A 24 3.16 -4.86 6.67
N ALA A 25 4.04 -3.96 7.10
CA ALA A 25 5.47 -4.21 7.07
C ALA A 25 5.85 -5.40 7.94
N SER A 26 4.93 -5.78 8.84
CA SER A 26 5.17 -6.91 9.74
C SER A 26 4.12 -7.99 9.55
N GLY A 27 3.36 -7.88 8.45
CA GLY A 27 2.33 -8.86 8.17
C GLY A 27 1.11 -8.24 7.50
N ALA A 28 1.22 -8.00 6.20
CA ALA A 28 0.13 -7.41 5.43
C ALA A 28 -1.01 -8.40 5.24
N SER A 29 -1.86 -8.52 6.26
CA SER A 29 -2.98 -9.44 6.20
C SER A 29 -4.22 -8.75 5.61
N LEU A 30 -4.42 -7.50 5.99
CA LEU A 30 -5.57 -6.72 5.51
C LEU A 30 -5.65 -6.78 3.98
N GLY A 31 -6.88 -6.81 3.47
CA GLY A 31 -7.08 -6.86 2.03
C GLY A 31 -8.02 -5.78 1.54
N THR A 32 -9.00 -5.42 2.36
CA THR A 32 -9.96 -4.39 2.00
C THR A 32 -9.42 -2.99 2.30
N ALA A 33 -8.89 -2.82 3.51
CA ALA A 33 -8.34 -1.54 3.93
C ALA A 33 -7.22 -1.08 2.98
N PHE A 34 -6.35 -2.02 2.63
CA PHE A 34 -5.24 -1.71 1.74
C PHE A 34 -5.74 -1.38 0.33
N ALA A 35 -6.86 -2.00 -0.04
CA ALA A 35 -7.46 -1.77 -1.35
C ALA A 35 -8.23 -0.46 -1.39
N ALA A 36 -8.66 0.00 -0.22
CA ALA A 36 -9.42 1.24 -0.10
C ALA A 36 -8.49 2.45 -0.14
N ILE A 37 -7.21 2.21 0.10
CA ILE A 37 -6.22 3.29 0.09
C ILE A 37 -5.42 3.30 -1.21
N LEU A 38 -5.33 2.14 -1.84
CA LEU A 38 -4.60 2.00 -3.10
C LEU A 38 -5.54 2.10 -4.30
N GLY A 39 -6.75 2.60 -4.05
CA GLY A 39 -7.73 2.73 -5.11
C GLY A 39 -7.99 4.18 -5.49
N VAL A 40 -7.50 5.10 -4.65
CA VAL A 40 -7.68 6.52 -4.90
C VAL A 40 -6.71 7.03 -5.96
N THR A 41 -5.52 6.42 -6.00
CA THR A 41 -4.50 6.80 -6.96
C THR A 41 -3.83 5.58 -7.56
N LEU A 42 -3.56 4.59 -6.73
CA LEU A 42 -2.92 3.36 -7.19
C LEU A 42 -3.89 2.49 -7.97
N PRO A 43 -3.35 1.56 -8.76
CA PRO A 43 -4.16 0.63 -9.57
C PRO A 43 -4.90 -0.39 -8.72
N ALA A 44 -5.51 -1.38 -9.37
CA ALA A 44 -6.25 -2.41 -8.67
C ALA A 44 -5.45 -3.72 -8.63
N TRP A 45 -4.62 -3.93 -9.66
CA TRP A 45 -3.82 -5.14 -9.74
C TRP A 45 -2.77 -5.17 -8.63
N ALA A 46 -2.30 -3.99 -8.23
CA ALA A 46 -1.31 -3.88 -7.17
C ALA A 46 -1.73 -4.66 -5.92
N LEU A 47 -3.04 -4.76 -5.73
CA LEU A 47 -3.59 -5.47 -4.57
C LEU A 47 -3.32 -6.97 -4.68
N ALA A 48 -3.41 -7.49 -5.89
CA ALA A 48 -3.18 -8.92 -6.13
C ALA A 48 -1.71 -9.27 -5.90
N ALA A 49 -0.83 -8.29 -6.06
CA ALA A 49 0.60 -8.50 -5.85
C ALA A 49 0.92 -8.69 -4.38
N ALA A 50 0.08 -8.12 -3.52
CA ALA A 50 0.28 -8.22 -2.07
C ALA A 50 -0.20 -9.58 -1.55
N GLY A 51 -1.16 -10.17 -2.26
CA GLY A 51 -1.69 -11.46 -1.86
C GLY A 51 -0.96 -12.62 -2.50
N ALA A 52 0.26 -12.37 -2.97
CA ALA A 52 1.07 -13.40 -3.60
C ALA A 52 2.49 -13.41 -3.05
N LEU A 53 3.22 -12.33 -3.30
CA LEU A 53 4.60 -12.20 -2.83
C LEU A 53 4.70 -11.14 -1.74
N GLY A 54 4.57 -9.87 -2.14
CA GLY A 54 4.65 -8.78 -1.19
C GLY A 54 5.49 -7.63 -1.70
N ALA A 55 5.08 -6.41 -1.38
CA ALA A 55 5.80 -5.22 -1.81
C ALA A 55 7.23 -5.23 -1.28
N THR A 56 8.17 -5.59 -2.15
CA THR A 56 9.58 -5.64 -1.77
C THR A 56 10.18 -4.24 -1.72
N ALA A 57 9.66 -3.40 -0.83
CA ALA A 57 10.14 -2.04 -0.68
C ALA A 57 9.90 -1.22 -1.95
N ALA A 58 8.87 -1.60 -2.70
CA ALA A 58 8.53 -0.91 -3.94
C ALA A 58 7.70 0.33 -3.66
N ILE A 1 6.22 -0.53 -2.58
CA ILE A 1 5.48 0.59 -2.00
C ILE A 1 6.44 1.56 -1.31
N TYR A 2 7.52 1.03 -0.75
CA TYR A 2 8.51 1.84 -0.06
C TYR A 2 9.42 2.55 -1.05
N TRP A 3 9.23 2.27 -2.33
CA TRP A 3 10.04 2.88 -3.38
C TRP A 3 9.22 3.90 -4.18
N ILE A 4 7.92 3.63 -4.31
CA ILE A 4 7.02 4.51 -5.04
C ILE A 4 6.72 5.77 -4.24
N ALA A 5 6.67 5.62 -2.91
CA ALA A 5 6.39 6.75 -2.04
C ALA A 5 7.54 7.75 -2.03
N ASP A 6 8.71 7.29 -2.45
CA ASP A 6 9.89 8.15 -2.50
C ASP A 6 9.96 8.91 -3.82
N GLN A 7 10.14 8.16 -4.92
CA GLN A 7 10.22 8.78 -6.24
C GLN A 7 8.95 9.56 -6.56
N PHE A 8 7.83 8.86 -6.65
CA PHE A 8 6.56 9.50 -6.95
C PHE A 8 6.00 10.23 -5.73
N GLY A 9 5.70 9.47 -4.68
CA GLY A 9 5.17 10.06 -3.47
C GLY A 9 3.93 10.91 -3.73
N ILE A 10 2.76 10.26 -3.72
CA ILE A 10 1.51 10.96 -3.96
C ILE A 10 1.02 11.65 -2.69
N HIS A 11 1.11 12.97 -2.66
CA HIS A 11 0.67 13.75 -1.51
C HIS A 11 -0.79 13.45 -1.18
N LEU A 12 -1.00 12.68 -0.11
CA LEU A 12 -2.36 12.33 0.30
C LEU A 12 -2.48 12.36 1.83
N ALA A 13 -1.92 11.35 2.49
CA ALA A 13 -1.97 11.27 3.94
C ALA A 13 -3.39 11.43 4.46
N THR A 14 -4.24 10.44 4.16
CA THR A 14 -5.62 10.47 4.59
C THR A 14 -5.74 10.23 6.10
N GLY A 15 -4.63 9.84 6.72
CA GLY A 15 -4.63 9.59 8.14
C GLY A 15 -4.92 8.14 8.47
N THR A 16 -5.42 7.40 7.48
CA THR A 16 -5.75 6.00 7.68
C THR A 16 -4.72 5.10 7.00
N ALA A 17 -4.00 5.65 6.04
CA ALA A 17 -2.99 4.89 5.32
C ALA A 17 -1.72 4.73 6.16
N ARG A 18 -1.25 5.83 6.73
CA ARG A 18 -0.05 5.81 7.55
C ARG A 18 -0.18 4.78 8.67
N LYS A 19 -1.41 4.49 9.07
CA LYS A 19 -1.66 3.52 10.12
C LYS A 19 -1.32 2.11 9.66
N LEU A 20 -1.49 1.87 8.37
CA LEU A 20 -1.21 0.55 7.79
C LEU A 20 0.30 0.30 7.76
N LEU A 21 1.05 1.28 7.28
CA LEU A 21 2.50 1.17 7.19
C LEU A 21 3.11 0.93 8.57
N ASP A 22 2.36 1.25 9.62
CA ASP A 22 2.82 1.07 10.99
C ASP A 22 2.37 -0.28 11.53
N ALA A 23 1.88 -1.15 10.64
CA ALA A 23 1.42 -2.47 11.03
C ALA A 23 1.90 -3.54 10.06
N VAL A 24 1.84 -3.22 8.77
CA VAL A 24 2.27 -4.15 7.72
C VAL A 24 3.75 -4.46 7.85
N ALA A 25 4.53 -3.49 8.31
CA ALA A 25 5.96 -3.67 8.49
C ALA A 25 6.26 -4.74 9.52
N SER A 26 5.25 -5.10 10.32
CA SER A 26 5.41 -6.10 11.35
C SER A 26 4.35 -7.20 11.21
N GLY A 27 3.73 -7.26 10.04
CA GLY A 27 2.70 -8.26 9.79
C GLY A 27 1.71 -7.82 8.74
N ALA A 28 2.20 -7.69 7.51
CA ALA A 28 1.34 -7.29 6.39
C ALA A 28 0.38 -8.41 6.00
N SER A 29 -0.73 -8.51 6.72
CA SER A 29 -1.74 -9.52 6.45
C SER A 29 -2.96 -8.92 5.77
N LEU A 30 -3.30 -7.69 6.16
CA LEU A 30 -4.45 -7.00 5.60
C LEU A 30 -4.41 -7.02 4.07
N GLY A 31 -5.57 -7.16 3.45
CA GLY A 31 -5.64 -7.19 2.00
C GLY A 31 -6.68 -6.22 1.45
N THR A 32 -7.78 -6.06 2.18
CA THR A 32 -8.85 -5.16 1.75
C THR A 32 -8.51 -3.71 2.08
N ALA A 33 -8.15 -3.46 3.32
CA ALA A 33 -7.80 -2.11 3.76
C ALA A 33 -6.71 -1.52 2.88
N PHE A 34 -5.79 -2.37 2.44
CA PHE A 34 -4.69 -1.94 1.58
C PHE A 34 -5.19 -1.57 0.19
N ALA A 35 -6.28 -2.20 -0.23
CA ALA A 35 -6.86 -1.94 -1.54
C ALA A 35 -7.68 -0.65 -1.53
N ALA A 36 -8.12 -0.25 -0.33
CA ALA A 36 -8.92 0.96 -0.20
C ALA A 36 -8.04 2.20 -0.18
N ILE A 37 -6.75 2.00 0.05
CA ILE A 37 -5.79 3.11 0.09
C ILE A 37 -5.01 3.21 -1.21
N LEU A 38 -4.95 2.10 -1.96
CA LEU A 38 -4.24 2.07 -3.23
C LEU A 38 -5.21 2.26 -4.39
N GLY A 39 -6.43 2.71 -4.08
CA GLY A 39 -7.42 2.93 -5.12
C GLY A 39 -7.67 4.40 -5.38
N VAL A 40 -7.20 5.25 -4.47
CA VAL A 40 -7.37 6.69 -4.61
C VAL A 40 -6.44 7.25 -5.69
N THR A 41 -5.27 6.64 -5.84
CA THR A 41 -4.30 7.07 -6.82
C THR A 41 -3.68 5.89 -7.54
N LEU A 42 -3.38 4.84 -6.79
CA LEU A 42 -2.78 3.63 -7.36
C LEU A 42 -3.80 2.83 -8.13
N PRO A 43 -3.32 1.94 -9.02
CA PRO A 43 -4.19 1.09 -9.85
C PRO A 43 -4.89 0.02 -9.02
N ALA A 44 -5.54 -0.91 -9.72
CA ALA A 44 -6.26 -1.99 -9.04
C ALA A 44 -5.48 -3.30 -9.12
N TRP A 45 -4.72 -3.46 -10.19
CA TRP A 45 -3.92 -4.67 -10.39
C TRP A 45 -2.84 -4.78 -9.33
N ALA A 46 -2.34 -3.63 -8.88
CA ALA A 46 -1.29 -3.61 -7.86
C ALA A 46 -1.74 -4.35 -6.60
N LEU A 47 -3.04 -4.41 -6.38
CA LEU A 47 -3.59 -5.10 -5.21
C LEU A 47 -3.47 -6.61 -5.36
N ALA A 48 -3.61 -7.08 -6.59
CA ALA A 48 -3.52 -8.52 -6.87
C ALA A 48 -2.07 -8.99 -6.80
N ALA A 49 -1.14 -8.09 -7.09
CA ALA A 49 0.28 -8.43 -7.05
C ALA A 49 0.78 -8.53 -5.62
N ALA A 50 0.11 -7.84 -4.71
CA ALA A 50 0.49 -7.86 -3.30
C ALA A 50 -0.11 -9.06 -2.58
N GLY A 51 -1.24 -9.55 -3.10
CA GLY A 51 -1.90 -10.69 -2.49
C GLY A 51 -1.04 -11.94 -2.53
N ALA A 52 -0.65 -12.35 -3.73
CA ALA A 52 0.18 -13.54 -3.90
C ALA A 52 1.59 -13.29 -3.38
N LEU A 53 2.23 -12.26 -3.90
CA LEU A 53 3.59 -11.92 -3.49
C LEU A 53 3.60 -10.71 -2.57
N GLY A 54 4.52 -10.72 -1.60
CA GLY A 54 4.60 -9.61 -0.66
C GLY A 54 5.37 -8.43 -1.23
N ALA A 55 4.89 -7.22 -0.96
CA ALA A 55 5.55 -6.01 -1.44
C ALA A 55 7.01 -5.98 -1.03
N THR A 56 7.89 -6.32 -1.97
CA THR A 56 9.32 -6.32 -1.70
C THR A 56 9.89 -4.90 -1.71
N ALA A 57 9.41 -4.08 -0.78
CA ALA A 57 9.87 -2.70 -0.66
C ALA A 57 9.50 -1.90 -1.91
N ALA A 58 8.44 -2.32 -2.59
CA ALA A 58 7.98 -1.64 -3.79
C ALA A 58 7.23 -0.36 -3.44
N ILE A 1 6.27 0.26 -3.42
CA ILE A 1 5.34 1.15 -2.74
C ILE A 1 6.06 2.01 -1.70
N TYR A 2 7.05 1.41 -1.03
CA TYR A 2 7.82 2.11 -0.01
C TYR A 2 8.84 3.05 -0.65
N TRP A 3 8.93 3.01 -1.98
CA TRP A 3 9.86 3.86 -2.71
C TRP A 3 9.12 4.98 -3.42
N ILE A 4 7.90 4.72 -3.84
CA ILE A 4 7.09 5.71 -4.53
C ILE A 4 6.62 6.80 -3.57
N ALA A 5 6.24 6.39 -2.37
CA ALA A 5 5.77 7.32 -1.35
C ALA A 5 6.86 8.31 -0.96
N ASP A 6 8.10 7.98 -1.31
CA ASP A 6 9.24 8.84 -0.99
C ASP A 6 9.46 9.86 -2.11
N GLN A 7 9.75 9.38 -3.30
CA GLN A 7 9.99 10.25 -4.45
C GLN A 7 8.72 10.98 -4.85
N PHE A 8 7.72 10.23 -5.29
CA PHE A 8 6.45 10.81 -5.70
C PHE A 8 5.66 11.31 -4.50
N GLY A 9 5.32 10.39 -3.60
CA GLY A 9 4.56 10.76 -2.41
C GLY A 9 3.21 11.35 -2.76
N ILE A 10 2.28 10.51 -3.18
CA ILE A 10 0.94 10.95 -3.55
C ILE A 10 0.18 11.46 -2.31
N HIS A 11 -0.74 12.38 -2.53
CA HIS A 11 -1.53 12.95 -1.45
C HIS A 11 -2.18 11.85 -0.62
N LEU A 12 -2.44 10.72 -1.26
CA LEU A 12 -3.07 9.58 -0.57
C LEU A 12 -2.31 9.24 0.70
N ALA A 13 -0.99 9.17 0.60
CA ALA A 13 -0.15 8.86 1.76
C ALA A 13 0.01 10.07 2.67
N THR A 14 -1.12 10.60 3.13
CA THR A 14 -1.11 11.77 4.01
C THR A 14 -1.15 11.35 5.47
N GLY A 15 -0.47 10.25 5.78
CA GLY A 15 -0.44 9.75 7.14
C GLY A 15 -1.23 8.48 7.32
N THR A 16 -2.44 8.45 6.76
CA THR A 16 -3.30 7.29 6.87
C THR A 16 -2.58 6.02 6.39
N ALA A 17 -2.21 6.00 5.11
CA ALA A 17 -1.52 4.87 4.54
C ALA A 17 -0.18 4.62 5.25
N ARG A 18 0.46 5.71 5.67
CA ARG A 18 1.74 5.62 6.36
C ARG A 18 1.64 4.72 7.59
N LYS A 19 0.67 4.99 8.44
CA LYS A 19 0.46 4.20 9.65
C LYS A 19 0.11 2.77 9.31
N LEU A 20 -0.48 2.56 8.14
CA LEU A 20 -0.85 1.22 7.69
C LEU A 20 0.37 0.43 7.25
N LEU A 21 1.24 1.07 6.48
CA LEU A 21 2.45 0.43 5.99
C LEU A 21 3.43 0.16 7.12
N ASP A 22 3.17 0.79 8.27
CA ASP A 22 4.03 0.62 9.44
C ASP A 22 3.45 -0.42 10.39
N ALA A 23 2.40 -1.11 9.94
CA ALA A 23 1.75 -2.13 10.75
C ALA A 23 1.48 -3.39 9.94
N VAL A 24 1.08 -3.20 8.69
CA VAL A 24 0.79 -4.33 7.81
C VAL A 24 2.04 -5.14 7.53
N ALA A 25 3.19 -4.46 7.48
CA ALA A 25 4.46 -5.13 7.23
C ALA A 25 4.73 -6.22 8.26
N SER A 26 4.08 -6.10 9.42
CA SER A 26 4.25 -7.08 10.48
C SER A 26 3.46 -8.35 10.20
N GLY A 27 2.26 -8.18 9.65
CA GLY A 27 1.41 -9.32 9.34
C GLY A 27 -0.03 -8.92 9.09
N ALA A 28 -0.32 -8.48 7.88
CA ALA A 28 -1.67 -8.07 7.51
C ALA A 28 -2.13 -8.78 6.23
N SER A 29 -3.01 -9.76 6.40
CA SER A 29 -3.53 -10.51 5.26
C SER A 29 -4.74 -9.80 4.64
N LEU A 30 -5.05 -8.62 5.16
CA LEU A 30 -6.18 -7.84 4.66
C LEU A 30 -6.10 -7.69 3.14
N GLY A 31 -7.27 -7.70 2.50
CA GLY A 31 -7.31 -7.56 1.05
C GLY A 31 -8.25 -6.45 0.62
N THR A 32 -9.33 -6.25 1.36
CA THR A 32 -10.30 -5.22 1.04
C THR A 32 -9.87 -3.87 1.59
N ALA A 33 -9.51 -3.84 2.86
CA ALA A 33 -9.07 -2.61 3.51
C ALA A 33 -7.90 -1.98 2.76
N PHE A 34 -7.03 -2.81 2.22
CA PHE A 34 -5.87 -2.33 1.47
C PHE A 34 -6.28 -1.85 0.08
N ALA A 35 -7.33 -2.47 -0.46
CA ALA A 35 -7.83 -2.11 -1.78
C ALA A 35 -8.66 -0.83 -1.73
N ALA A 36 -9.18 -0.52 -0.54
CA ALA A 36 -10.00 0.67 -0.37
C ALA A 36 -9.13 1.91 -0.22
N ILE A 37 -7.84 1.70 0.05
CA ILE A 37 -6.90 2.80 0.21
C ILE A 37 -6.01 2.95 -1.02
N LEU A 38 -5.77 1.84 -1.70
CA LEU A 38 -4.93 1.84 -2.88
C LEU A 38 -5.78 1.86 -4.15
N GLY A 39 -7.04 2.25 -4.00
CA GLY A 39 -7.95 2.31 -5.14
C GLY A 39 -8.29 3.74 -5.52
N VAL A 40 -7.92 4.69 -4.67
CA VAL A 40 -8.20 6.10 -4.91
C VAL A 40 -7.22 6.68 -5.92
N THR A 41 -6.00 6.16 -5.92
CA THR A 41 -4.97 6.63 -6.83
C THR A 41 -4.14 5.47 -7.37
N LEU A 42 -3.81 4.53 -6.50
CA LEU A 42 -3.03 3.36 -6.89
C LEU A 42 -3.87 2.39 -7.71
N PRO A 43 -3.19 1.50 -8.45
CA PRO A 43 -3.85 0.50 -9.30
C PRO A 43 -4.54 -0.58 -8.47
N ALA A 44 -5.01 -1.63 -9.15
CA ALA A 44 -5.68 -2.73 -8.48
C ALA A 44 -4.79 -3.95 -8.38
N TRP A 45 -3.89 -4.10 -9.35
CA TRP A 45 -2.96 -5.23 -9.37
C TRP A 45 -1.97 -5.14 -8.21
N ALA A 46 -1.61 -3.92 -7.85
CA ALA A 46 -0.66 -3.69 -6.76
C ALA A 46 -1.14 -4.36 -5.48
N LEU A 47 -2.45 -4.55 -5.37
CA LEU A 47 -3.03 -5.17 -4.19
C LEU A 47 -2.71 -6.67 -4.15
N ALA A 48 -2.69 -7.30 -5.32
CA ALA A 48 -2.39 -8.72 -5.42
C ALA A 48 -0.89 -8.97 -5.34
N ALA A 49 -0.10 -7.96 -5.71
CA ALA A 49 1.35 -8.08 -5.68
C ALA A 49 1.88 -8.00 -4.25
N ALA A 50 1.25 -7.14 -3.45
CA ALA A 50 1.65 -6.97 -2.06
C ALA A 50 0.82 -7.85 -1.12
N GLY A 51 0.28 -8.94 -1.68
CA GLY A 51 -0.52 -9.84 -0.88
C GLY A 51 0.09 -11.23 -0.78
N ALA A 52 0.66 -11.70 -1.88
CA ALA A 52 1.29 -13.02 -1.91
C ALA A 52 2.79 -12.91 -2.17
N LEU A 53 3.15 -12.21 -3.24
CA LEU A 53 4.56 -12.02 -3.59
C LEU A 53 4.70 -10.98 -4.70
N GLY A 54 5.67 -10.09 -4.54
CA GLY A 54 5.90 -9.06 -5.54
C GLY A 54 6.41 -7.76 -4.92
N ALA A 55 5.97 -6.64 -5.47
CA ALA A 55 6.39 -5.33 -4.96
C ALA A 55 6.14 -5.21 -3.47
N THR A 56 7.23 -5.18 -2.69
CA THR A 56 7.12 -5.07 -1.24
C THR A 56 7.75 -3.77 -0.75
N ALA A 57 8.68 -3.23 -1.52
CA ALA A 57 9.36 -1.99 -1.16
C ALA A 57 9.11 -0.91 -2.22
N ALA A 58 8.63 -1.33 -3.38
CA ALA A 58 8.35 -0.39 -4.46
C ALA A 58 7.40 0.71 -4.01
N ILE A 1 6.87 1.01 -4.92
CA ILE A 1 5.85 1.95 -4.46
C ILE A 1 6.37 2.83 -3.33
N TYR A 2 7.32 2.28 -2.57
CA TYR A 2 7.90 3.00 -1.44
C TYR A 2 8.96 3.99 -1.91
N TRP A 3 9.20 3.98 -3.23
CA TRP A 3 10.20 4.88 -3.81
C TRP A 3 9.54 5.95 -4.67
N ILE A 4 8.45 5.57 -5.33
CA ILE A 4 7.71 6.51 -6.19
C ILE A 4 6.99 7.55 -5.36
N ALA A 5 6.44 7.12 -4.22
CA ALA A 5 5.71 8.03 -3.34
C ALA A 5 6.62 9.13 -2.81
N ASP A 6 7.93 8.90 -2.89
CA ASP A 6 8.91 9.87 -2.42
C ASP A 6 9.25 10.87 -3.53
N GLN A 7 9.95 10.39 -4.55
CA GLN A 7 10.34 11.24 -5.66
C GLN A 7 9.12 11.89 -6.31
N PHE A 8 8.24 11.08 -6.85
CA PHE A 8 7.02 11.59 -7.50
C PHE A 8 5.99 12.00 -6.46
N GLY A 9 5.40 11.01 -5.79
CA GLY A 9 4.40 11.30 -4.79
C GLY A 9 3.22 12.07 -5.33
N ILE A 10 2.19 11.35 -5.76
CA ILE A 10 0.99 11.98 -6.32
C ILE A 10 -0.13 12.01 -5.30
N HIS A 11 -0.09 12.98 -4.39
CA HIS A 11 -1.12 13.12 -3.36
C HIS A 11 -1.19 11.86 -2.50
N LEU A 12 -0.10 11.12 -2.44
CA LEU A 12 -0.05 9.89 -1.66
C LEU A 12 -0.51 10.14 -0.22
N ALA A 13 -1.23 9.17 0.33
CA ALA A 13 -1.73 9.28 1.70
C ALA A 13 -0.68 8.81 2.71
N THR A 14 0.33 9.65 2.95
CA THR A 14 1.39 9.30 3.88
C THR A 14 1.11 9.87 5.27
N GLY A 15 -0.18 9.97 5.61
CA GLY A 15 -0.56 10.50 6.91
C GLY A 15 -1.53 9.60 7.63
N THR A 16 -2.41 8.94 6.88
CA THR A 16 -3.40 8.05 7.46
C THR A 16 -3.03 6.59 7.23
N ALA A 17 -3.05 6.17 5.97
CA ALA A 17 -2.70 4.79 5.63
C ALA A 17 -1.31 4.43 6.13
N ARG A 18 -0.48 5.44 6.36
CA ARG A 18 0.87 5.24 6.85
C ARG A 18 0.87 4.36 8.10
N LYS A 19 -0.15 4.52 8.93
CA LYS A 19 -0.27 3.76 10.16
C LYS A 19 -0.68 2.32 9.87
N LEU A 20 -1.47 2.13 8.81
CA LEU A 20 -1.93 0.80 8.42
C LEU A 20 -0.75 -0.06 7.98
N LEU A 21 0.14 0.52 7.18
CA LEU A 21 1.30 -0.19 6.68
C LEU A 21 2.25 -0.55 7.81
N ASP A 22 2.03 0.06 8.97
CA ASP A 22 2.87 -0.20 10.15
C ASP A 22 2.16 -1.12 11.13
N ALA A 23 0.93 -1.49 10.79
CA ALA A 23 0.13 -2.36 11.65
C ALA A 23 -0.22 -3.66 10.93
N VAL A 24 -0.29 -3.59 9.60
CA VAL A 24 -0.62 -4.75 8.78
C VAL A 24 0.58 -5.68 8.65
N ALA A 25 1.78 -5.11 8.66
CA ALA A 25 3.00 -5.89 8.55
C ALA A 25 3.09 -6.95 9.65
N SER A 26 2.37 -6.72 10.74
CA SER A 26 2.37 -7.65 11.86
C SER A 26 1.53 -8.88 11.54
N GLY A 27 0.48 -8.68 10.77
CA GLY A 27 -0.39 -9.79 10.40
C GLY A 27 -1.75 -9.33 9.92
N ALA A 28 -1.82 -8.88 8.68
CA ALA A 28 -3.07 -8.41 8.11
C ALA A 28 -3.14 -8.70 6.61
N SER A 29 -4.08 -9.55 6.22
CA SER A 29 -4.25 -9.93 4.82
C SER A 29 -5.61 -9.49 4.30
N LEU A 30 -6.06 -8.31 4.75
CA LEU A 30 -7.35 -7.78 4.32
C LEU A 30 -7.47 -7.77 2.80
N GLY A 31 -8.66 -8.05 2.30
CA GLY A 31 -8.89 -8.06 0.87
C GLY A 31 -9.94 -7.05 0.44
N THR A 32 -10.75 -6.61 1.38
CA THR A 32 -11.80 -5.63 1.09
C THR A 32 -11.46 -4.27 1.66
N ALA A 33 -10.92 -4.25 2.87
CA ALA A 33 -10.54 -3.01 3.53
C ALA A 33 -9.22 -2.48 2.98
N PHE A 34 -8.36 -3.39 2.54
CA PHE A 34 -7.06 -3.01 1.99
C PHE A 34 -7.22 -2.36 0.62
N ALA A 35 -8.31 -2.70 -0.07
CA ALA A 35 -8.57 -2.15 -1.39
C ALA A 35 -9.16 -0.75 -1.30
N ALA A 36 -9.72 -0.42 -0.14
CA ALA A 36 -10.32 0.88 0.08
C ALA A 36 -9.26 1.92 0.43
N ILE A 37 -8.08 1.46 0.81
CA ILE A 37 -6.98 2.34 1.17
C ILE A 37 -5.93 2.38 0.06
N LEU A 38 -5.88 1.33 -0.75
CA LEU A 38 -4.92 1.25 -1.84
C LEU A 38 -5.59 1.55 -3.17
N GLY A 39 -6.91 1.46 -3.20
CA GLY A 39 -7.66 1.73 -4.42
C GLY A 39 -7.98 3.20 -4.58
N VAL A 40 -7.50 4.02 -3.65
CA VAL A 40 -7.75 5.45 -3.70
C VAL A 40 -6.56 6.20 -4.29
N THR A 41 -5.36 5.71 -4.00
CA THR A 41 -4.14 6.33 -4.52
C THR A 41 -3.22 5.28 -5.13
N LEU A 42 -3.09 4.14 -4.47
CA LEU A 42 -2.24 3.07 -4.95
C LEU A 42 -2.85 2.39 -6.17
N PRO A 43 -2.01 1.63 -6.90
CA PRO A 43 -2.46 0.92 -8.11
C PRO A 43 -3.38 -0.25 -7.78
N ALA A 44 -3.71 -1.03 -8.80
CA ALA A 44 -4.60 -2.17 -8.63
C ALA A 44 -3.80 -3.44 -8.35
N TRP A 45 -2.77 -3.68 -9.16
CA TRP A 45 -1.92 -4.86 -9.00
C TRP A 45 -1.40 -4.96 -7.57
N ALA A 46 -1.16 -3.81 -6.94
CA ALA A 46 -0.66 -3.76 -5.58
C ALA A 46 -1.51 -4.63 -4.66
N LEU A 47 -2.82 -4.58 -4.85
CA LEU A 47 -3.75 -5.36 -4.02
C LEU A 47 -3.35 -6.83 -4.00
N ALA A 48 -2.96 -7.35 -5.16
CA ALA A 48 -2.55 -8.75 -5.26
C ALA A 48 -1.19 -8.97 -4.62
N ALA A 49 -0.39 -7.90 -4.55
CA ALA A 49 0.93 -7.99 -3.96
C ALA A 49 0.86 -8.26 -2.46
N ALA A 50 -0.27 -7.90 -1.86
CA ALA A 50 -0.48 -8.11 -0.43
C ALA A 50 -0.19 -9.56 -0.04
N GLY A 51 -0.65 -10.49 -0.87
CA GLY A 51 -0.43 -11.90 -0.60
C GLY A 51 1.00 -12.32 -0.82
N ALA A 52 1.38 -12.52 -2.08
CA ALA A 52 2.74 -12.93 -2.42
C ALA A 52 3.61 -11.72 -2.72
N LEU A 53 4.92 -11.88 -2.54
CA LEU A 53 5.86 -10.79 -2.79
C LEU A 53 5.66 -10.20 -4.18
N GLY A 54 5.82 -8.88 -4.29
CA GLY A 54 5.65 -8.22 -5.56
C GLY A 54 6.41 -6.91 -5.65
N ALA A 55 5.84 -5.87 -5.05
CA ALA A 55 6.47 -4.55 -5.05
C ALA A 55 7.71 -4.52 -4.15
N THR A 56 8.89 -4.64 -4.75
CA THR A 56 10.13 -4.64 -4.01
C THR A 56 10.51 -3.23 -3.57
N ALA A 57 9.67 -2.62 -2.73
CA ALA A 57 9.92 -1.27 -2.24
C ALA A 57 9.88 -0.26 -3.38
N ALA A 58 9.17 -0.60 -4.44
CA ALA A 58 9.06 0.28 -5.60
C ALA A 58 8.07 1.42 -5.34
N ILE A 1 6.20 1.13 -2.90
CA ILE A 1 5.51 2.28 -2.34
C ILE A 1 6.38 3.02 -1.34
N TYR A 2 7.28 2.28 -0.69
CA TYR A 2 8.17 2.85 0.31
C TYR A 2 9.36 3.53 -0.36
N TRP A 3 9.42 3.43 -1.69
CA TRP A 3 10.50 4.04 -2.44
C TRP A 3 9.99 5.19 -3.31
N ILE A 4 8.82 4.99 -3.92
CA ILE A 4 8.22 6.01 -4.77
C ILE A 4 7.83 7.24 -3.96
N ALA A 5 7.33 7.01 -2.75
CA ALA A 5 6.92 8.10 -1.89
C ALA A 5 8.10 9.01 -1.54
N ASP A 6 9.30 8.48 -1.71
CA ASP A 6 10.52 9.23 -1.41
C ASP A 6 10.95 10.06 -2.63
N GLN A 7 11.49 9.38 -3.64
CA GLN A 7 11.94 10.06 -4.85
C GLN A 7 10.85 10.95 -5.41
N PHE A 8 9.73 10.35 -5.79
CA PHE A 8 8.60 11.09 -6.35
C PHE A 8 7.82 11.80 -5.24
N GLY A 9 7.24 11.01 -4.35
CA GLY A 9 6.45 11.57 -3.26
C GLY A 9 5.34 12.47 -3.75
N ILE A 10 4.29 11.86 -4.28
CA ILE A 10 3.14 12.63 -4.79
C ILE A 10 2.41 13.34 -3.66
N HIS A 11 1.81 14.48 -3.99
CA HIS A 11 1.08 15.27 -2.99
C HIS A 11 -0.29 14.65 -2.73
N LEU A 12 -0.30 13.41 -2.27
CA LEU A 12 -1.54 12.70 -1.98
C LEU A 12 -1.74 12.56 -0.47
N ALA A 13 -2.99 12.57 -0.04
CA ALA A 13 -3.32 12.43 1.38
C ALA A 13 -3.18 10.99 1.84
N THR A 14 -1.95 10.47 1.79
CA THR A 14 -1.68 9.10 2.20
C THR A 14 -1.26 9.04 3.67
N GLY A 15 -1.58 10.08 4.42
CA GLY A 15 -1.23 10.13 5.83
C GLY A 15 -1.97 9.10 6.65
N THR A 16 -3.19 8.76 6.20
CA THR A 16 -4.00 7.77 6.91
C THR A 16 -3.45 6.37 6.73
N ALA A 17 -3.09 6.02 5.50
CA ALA A 17 -2.54 4.71 5.19
C ALA A 17 -1.24 4.46 5.98
N ARG A 18 -0.60 5.54 6.39
CA ARG A 18 0.65 5.44 7.14
C ARG A 18 0.50 4.51 8.33
N LYS A 19 -0.59 4.69 9.09
CA LYS A 19 -0.86 3.86 10.25
C LYS A 19 -0.99 2.39 9.86
N LEU A 20 -1.38 2.15 8.62
CA LEU A 20 -1.54 0.79 8.12
C LEU A 20 -0.21 0.23 7.62
N LEU A 21 0.52 1.03 6.88
CA LEU A 21 1.82 0.61 6.35
C LEU A 21 2.77 0.24 7.48
N ASP A 22 2.48 0.73 8.68
CA ASP A 22 3.30 0.44 9.85
C ASP A 22 2.87 -0.85 10.52
N ALA A 23 1.96 -1.57 9.88
CA ALA A 23 1.45 -2.83 10.42
C ALA A 23 1.41 -3.91 9.34
N VAL A 24 0.86 -3.56 8.18
CA VAL A 24 0.76 -4.49 7.07
C VAL A 24 2.14 -4.98 6.63
N ALA A 25 3.14 -4.11 6.76
CA ALA A 25 4.50 -4.45 6.37
C ALA A 25 5.02 -5.62 7.20
N SER A 26 4.41 -5.84 8.35
CA SER A 26 4.82 -6.93 9.24
C SER A 26 3.78 -8.05 9.24
N GLY A 27 2.78 -7.93 8.37
CA GLY A 27 1.74 -8.93 8.29
C GLY A 27 1.10 -9.00 6.91
N ALA A 28 0.28 -8.00 6.59
CA ALA A 28 -0.39 -7.94 5.31
C ALA A 28 -1.30 -9.15 5.11
N SER A 29 -2.33 -9.26 5.96
CA SER A 29 -3.27 -10.37 5.88
C SER A 29 -4.64 -9.88 5.42
N LEU A 30 -5.00 -8.67 5.82
CA LEU A 30 -6.28 -8.09 5.43
C LEU A 30 -6.48 -8.15 3.92
N GLY A 31 -7.72 -8.37 3.51
CA GLY A 31 -8.03 -8.45 2.09
C GLY A 31 -9.03 -7.39 1.65
N THR A 32 -9.81 -6.90 2.59
CA THR A 32 -10.82 -5.88 2.29
C THR A 32 -10.34 -4.50 2.73
N ALA A 33 -9.67 -4.44 3.88
CA ALA A 33 -9.16 -3.17 4.40
C ALA A 33 -7.97 -2.69 3.58
N PHE A 34 -7.25 -3.63 2.98
CA PHE A 34 -6.08 -3.29 2.17
C PHE A 34 -6.50 -2.85 0.77
N ALA A 35 -7.61 -3.40 0.30
CA ALA A 35 -8.13 -3.07 -1.04
C ALA A 35 -8.85 -1.73 -1.02
N ALA A 36 -9.34 -1.34 0.15
CA ALA A 36 -10.07 -0.08 0.29
C ALA A 36 -9.09 1.09 0.41
N ILE A 37 -7.83 0.78 0.71
CA ILE A 37 -6.81 1.81 0.84
C ILE A 37 -5.93 1.90 -0.40
N LEU A 38 -5.84 0.78 -1.12
CA LEU A 38 -5.03 0.72 -2.34
C LEU A 38 -5.89 0.95 -3.57
N GLY A 39 -7.09 1.47 -3.36
CA GLY A 39 -8.00 1.73 -4.47
C GLY A 39 -8.16 3.21 -4.75
N VAL A 40 -7.71 4.05 -3.83
CA VAL A 40 -7.81 5.49 -3.98
C VAL A 40 -6.78 6.00 -4.97
N THR A 41 -5.62 5.34 -5.03
CA THR A 41 -4.56 5.73 -5.93
C THR A 41 -3.92 4.51 -6.59
N LEU A 42 -3.72 3.46 -5.81
CA LEU A 42 -3.12 2.23 -6.31
C LEU A 42 -4.11 1.46 -7.17
N PRO A 43 -3.58 0.54 -8.01
CA PRO A 43 -4.41 -0.28 -8.89
C PRO A 43 -5.22 -1.32 -8.13
N ALA A 44 -5.85 -2.23 -8.87
CA ALA A 44 -6.66 -3.28 -8.25
C ALA A 44 -5.92 -4.62 -8.25
N TRP A 45 -5.04 -4.80 -9.24
CA TRP A 45 -4.27 -6.04 -9.35
C TRP A 45 -3.24 -6.14 -8.24
N ALA A 46 -2.70 -5.00 -7.82
CA ALA A 46 -1.71 -4.96 -6.75
C ALA A 46 -2.20 -5.72 -5.53
N LEU A 47 -3.51 -5.74 -5.33
CA LEU A 47 -4.10 -6.44 -4.19
C LEU A 47 -3.81 -7.93 -4.25
N ALA A 48 -3.87 -8.49 -5.46
CA ALA A 48 -3.62 -9.90 -5.65
C ALA A 48 -2.12 -10.20 -5.60
N ALA A 49 -1.31 -9.20 -5.91
CA ALA A 49 0.13 -9.34 -5.91
C ALA A 49 0.68 -9.38 -4.48
N ALA A 50 -0.08 -8.84 -3.55
CA ALA A 50 0.32 -8.81 -2.15
C ALA A 50 0.70 -10.21 -1.66
N GLY A 51 0.08 -11.22 -2.25
CA GLY A 51 0.37 -12.59 -1.86
C GLY A 51 1.57 -13.16 -2.59
N ALA A 52 1.87 -12.61 -3.76
CA ALA A 52 3.01 -13.07 -4.55
C ALA A 52 4.28 -12.32 -4.16
N LEU A 53 4.37 -11.06 -4.57
CA LEU A 53 5.55 -10.25 -4.26
C LEU A 53 5.18 -9.08 -3.35
N GLY A 54 4.04 -8.46 -3.63
CA GLY A 54 3.58 -7.34 -2.83
C GLY A 54 4.41 -6.09 -3.06
N ALA A 55 4.14 -5.05 -2.27
CA ALA A 55 4.87 -3.79 -2.39
C ALA A 55 6.37 -4.01 -2.27
N THR A 56 6.75 -5.04 -1.49
CA THR A 56 8.16 -5.35 -1.29
C THR A 56 9.01 -4.08 -1.22
N ALA A 57 8.52 -3.09 -0.48
CA ALA A 57 9.24 -1.83 -0.34
C ALA A 57 9.34 -1.10 -1.68
N ALA A 58 8.19 -0.82 -2.29
CA ALA A 58 8.16 -0.12 -3.56
C ALA A 58 7.43 1.21 -3.44
N ILE A 1 6.54 0.76 -3.30
CA ILE A 1 5.89 1.96 -2.80
C ILE A 1 6.86 2.83 -2.02
N TYR A 2 7.83 2.19 -1.38
CA TYR A 2 8.84 2.91 -0.60
C TYR A 2 9.91 3.51 -1.51
N TRP A 3 9.80 3.23 -2.80
CA TRP A 3 10.75 3.74 -3.77
C TRP A 3 10.10 4.81 -4.65
N ILE A 4 8.82 4.63 -4.94
CA ILE A 4 8.09 5.58 -5.77
C ILE A 4 7.85 6.90 -5.03
N ALA A 5 7.55 6.80 -3.75
CA ALA A 5 7.31 7.99 -2.92
C ALA A 5 8.51 8.92 -2.95
N ASP A 6 9.68 8.37 -3.28
CA ASP A 6 10.90 9.16 -3.34
C ASP A 6 11.04 9.84 -4.71
N GLN A 7 11.34 9.03 -5.73
CA GLN A 7 11.50 9.56 -7.08
C GLN A 7 10.30 10.37 -7.50
N PHE A 8 9.14 9.73 -7.58
CA PHE A 8 7.91 10.39 -7.99
C PHE A 8 7.31 11.17 -6.81
N GLY A 9 6.77 10.44 -5.84
CA GLY A 9 6.18 11.07 -4.68
C GLY A 9 4.67 11.20 -4.79
N ILE A 10 3.99 10.06 -4.79
CA ILE A 10 2.53 10.05 -4.90
C ILE A 10 1.88 10.55 -3.62
N HIS A 11 0.79 11.29 -3.76
CA HIS A 11 0.07 11.82 -2.62
C HIS A 11 -0.75 10.73 -1.93
N LEU A 12 -0.05 9.78 -1.31
CA LEU A 12 -0.72 8.68 -0.62
C LEU A 12 -1.60 9.20 0.52
N ALA A 13 -2.68 8.50 0.79
CA ALA A 13 -3.60 8.88 1.85
C ALA A 13 -3.03 8.54 3.22
N THR A 14 -2.13 9.39 3.71
CA THR A 14 -1.50 9.19 5.01
C THR A 14 -2.52 9.33 6.14
N GLY A 15 -3.61 10.04 5.86
CA GLY A 15 -4.65 10.23 6.86
C GLY A 15 -5.10 8.93 7.50
N THR A 16 -5.08 7.86 6.71
CA THR A 16 -5.50 6.55 7.21
C THR A 16 -4.35 5.55 7.13
N ALA A 17 -3.52 5.68 6.11
CA ALA A 17 -2.37 4.80 5.93
C ALA A 17 -1.47 4.80 7.17
N ARG A 18 -1.53 5.88 7.92
CA ARG A 18 -0.72 6.02 9.13
C ARG A 18 -0.89 4.81 10.04
N LYS A 19 -2.15 4.43 10.28
CA LYS A 19 -2.46 3.29 11.13
C LYS A 19 -2.09 1.98 10.44
N LEU A 20 -2.09 2.00 9.11
CA LEU A 20 -1.77 0.81 8.33
C LEU A 20 -0.28 0.50 8.40
N LEU A 21 0.55 1.54 8.24
CA LEU A 21 1.99 1.37 8.30
C LEU A 21 2.43 0.79 9.64
N ASP A 22 1.56 0.91 10.64
CA ASP A 22 1.85 0.40 11.97
C ASP A 22 1.30 -1.01 12.14
N ALA A 23 0.92 -1.63 11.02
CA ALA A 23 0.38 -2.99 11.06
C ALA A 23 0.94 -3.82 9.92
N VAL A 24 1.05 -3.22 8.74
CA VAL A 24 1.57 -3.91 7.57
C VAL A 24 3.03 -4.30 7.77
N ALA A 25 3.76 -3.47 8.50
CA ALA A 25 5.18 -3.73 8.77
C ALA A 25 5.36 -5.05 9.50
N SER A 26 4.30 -5.51 10.17
CA SER A 26 4.33 -6.76 10.92
C SER A 26 3.70 -7.89 10.12
N GLY A 27 2.74 -7.54 9.27
CA GLY A 27 2.07 -8.54 8.46
C GLY A 27 1.10 -7.92 7.46
N ALA A 28 1.64 -7.40 6.36
CA ALA A 28 0.82 -6.78 5.33
C ALA A 28 0.02 -7.83 4.55
N SER A 29 -1.11 -8.24 5.11
CA SER A 29 -1.96 -9.24 4.47
C SER A 29 -3.40 -8.75 4.36
N LEU A 30 -3.59 -7.45 4.63
CA LEU A 30 -4.93 -6.86 4.56
C LEU A 30 -5.50 -6.98 3.16
N GLY A 31 -6.82 -7.19 3.08
CA GLY A 31 -7.48 -7.31 1.79
C GLY A 31 -8.55 -6.27 1.59
N THR A 32 -9.04 -5.70 2.69
CA THR A 32 -10.08 -4.68 2.62
C THR A 32 -9.52 -3.30 2.94
N ALA A 33 -8.66 -3.24 3.95
CA ALA A 33 -8.05 -1.98 4.35
C ALA A 33 -6.98 -1.54 3.35
N PHE A 34 -6.41 -2.51 2.63
CA PHE A 34 -5.38 -2.23 1.65
C PHE A 34 -5.99 -1.83 0.32
N ALA A 35 -7.21 -2.29 0.07
CA ALA A 35 -7.91 -1.97 -1.17
C ALA A 35 -8.61 -0.63 -1.09
N ALA A 36 -8.85 -0.17 0.14
CA ALA A 36 -9.51 1.11 0.36
C ALA A 36 -8.52 2.26 0.27
N ILE A 37 -7.25 1.93 0.13
CA ILE A 37 -6.20 2.93 0.01
C ILE A 37 -5.52 2.88 -1.34
N LEU A 38 -5.54 1.70 -1.96
CA LEU A 38 -4.93 1.52 -3.28
C LEU A 38 -5.99 1.37 -4.36
N GLY A 39 -7.23 1.17 -3.94
CA GLY A 39 -8.32 1.01 -4.88
C GLY A 39 -9.00 2.34 -5.21
N VAL A 40 -8.43 3.43 -4.70
CA VAL A 40 -8.99 4.75 -4.94
C VAL A 40 -8.15 5.53 -5.95
N THR A 41 -6.83 5.36 -5.86
CA THR A 41 -5.91 6.04 -6.76
C THR A 41 -5.00 5.05 -7.48
N LEU A 42 -4.61 4.00 -6.77
CA LEU A 42 -3.74 2.98 -7.34
C LEU A 42 -4.55 1.98 -8.17
N PRO A 43 -3.84 1.20 -9.01
CA PRO A 43 -4.47 0.20 -9.88
C PRO A 43 -5.02 -0.98 -9.09
N ALA A 44 -5.60 -1.94 -9.80
CA ALA A 44 -6.16 -3.13 -9.17
C ALA A 44 -5.11 -4.23 -9.03
N TRP A 45 -4.33 -4.42 -10.09
CA TRP A 45 -3.29 -5.45 -10.09
C TRP A 45 -2.33 -5.25 -8.92
N ALA A 46 -2.13 -3.99 -8.53
CA ALA A 46 -1.24 -3.66 -7.43
C ALA A 46 -1.58 -4.47 -6.18
N LEU A 47 -2.88 -4.65 -5.94
CA LEU A 47 -3.34 -5.40 -4.78
C LEU A 47 -3.01 -6.88 -4.92
N ALA A 48 -2.99 -7.36 -6.16
CA ALA A 48 -2.70 -8.76 -6.44
C ALA A 48 -1.20 -9.02 -6.34
N ALA A 49 -0.40 -7.99 -6.57
CA ALA A 49 1.05 -8.11 -6.51
C ALA A 49 1.56 -7.83 -5.10
N ALA A 50 0.79 -7.06 -4.34
CA ALA A 50 1.18 -6.72 -2.97
C ALA A 50 0.52 -7.67 -1.97
N GLY A 51 -0.61 -8.24 -2.37
CA GLY A 51 -1.33 -9.15 -1.48
C GLY A 51 -0.70 -10.53 -1.46
N ALA A 52 0.10 -10.84 -2.47
CA ALA A 52 0.76 -12.13 -2.56
C ALA A 52 2.28 -11.98 -2.43
N LEU A 53 2.88 -11.33 -3.41
CA LEU A 53 4.33 -11.13 -3.40
C LEU A 53 4.72 -10.04 -2.41
N GLY A 54 3.93 -8.96 -2.37
CA GLY A 54 4.22 -7.87 -1.47
C GLY A 54 4.70 -6.62 -2.17
N ALA A 55 4.88 -5.55 -1.42
CA ALA A 55 5.33 -4.28 -2.00
C ALA A 55 6.81 -4.36 -2.38
N THR A 56 7.55 -5.25 -1.72
CA THR A 56 8.97 -5.42 -1.99
C THR A 56 9.70 -4.08 -1.96
N ALA A 57 9.18 -3.16 -1.15
CA ALA A 57 9.79 -1.83 -1.03
C ALA A 57 9.68 -1.05 -2.33
N ALA A 58 8.56 -1.23 -3.03
CA ALA A 58 8.33 -0.54 -4.29
C ALA A 58 7.66 0.82 -4.06
N ILE A 1 7.96 1.45 -4.17
CA ILE A 1 7.02 2.29 -3.44
C ILE A 1 7.48 2.52 -2.00
N TYR A 2 8.15 1.52 -1.43
CA TYR A 2 8.65 1.61 -0.07
C TYR A 2 9.92 2.44 -0.01
N TRP A 3 10.40 2.88 -1.16
CA TRP A 3 11.61 3.69 -1.25
C TRP A 3 11.29 5.12 -1.62
N ILE A 4 10.25 5.29 -2.44
CA ILE A 4 9.83 6.63 -2.87
C ILE A 4 9.13 7.38 -1.74
N ALA A 5 8.34 6.65 -0.95
CA ALA A 5 7.62 7.24 0.16
C ALA A 5 8.58 7.82 1.19
N ASP A 6 9.83 7.38 1.14
CA ASP A 6 10.84 7.85 2.08
C ASP A 6 11.57 9.06 1.52
N GLN A 7 12.22 8.89 0.37
CA GLN A 7 12.96 9.97 -0.27
C GLN A 7 12.03 11.11 -0.65
N PHE A 8 11.11 10.82 -1.58
CA PHE A 8 10.16 11.82 -2.04
C PHE A 8 9.05 12.03 -1.02
N GLY A 9 8.23 11.00 -0.82
CA GLY A 9 7.14 11.08 0.13
C GLY A 9 6.23 12.26 -0.15
N ILE A 10 5.49 12.19 -1.25
CA ILE A 10 4.57 13.26 -1.62
C ILE A 10 3.65 13.63 -0.46
N HIS A 11 3.60 14.92 -0.13
CA HIS A 11 2.76 15.40 0.96
C HIS A 11 1.31 14.98 0.75
N LEU A 12 0.83 15.12 -0.48
CA LEU A 12 -0.54 14.75 -0.81
C LEU A 12 -0.86 13.33 -0.35
N ALA A 13 -2.12 13.08 -0.01
CA ALA A 13 -2.55 11.76 0.45
C ALA A 13 -2.70 10.80 -0.73
N THR A 14 -1.60 10.58 -1.45
CA THR A 14 -1.62 9.69 -2.60
C THR A 14 -1.18 8.28 -2.21
N GLY A 15 -1.52 7.87 -0.99
CA GLY A 15 -1.15 6.55 -0.52
C GLY A 15 -1.23 6.43 0.99
N THR A 16 -2.44 6.55 1.53
CA THR A 16 -2.65 6.46 2.96
C THR A 16 -2.27 5.09 3.50
N ALA A 17 -2.24 4.10 2.60
CA ALA A 17 -1.89 2.73 2.97
C ALA A 17 -0.44 2.65 3.44
N ARG A 18 0.38 3.59 2.99
CA ARG A 18 1.79 3.62 3.37
C ARG A 18 1.95 3.55 4.88
N LYS A 19 1.15 4.33 5.60
CA LYS A 19 1.19 4.36 7.05
C LYS A 19 0.67 3.05 7.65
N LEU A 20 -0.15 2.35 6.88
CA LEU A 20 -0.72 1.07 7.31
C LEU A 20 0.29 -0.06 7.13
N LEU A 21 0.93 -0.09 5.97
CA LEU A 21 1.92 -1.12 5.68
C LEU A 21 3.14 -0.99 6.60
N ASP A 22 3.24 0.15 7.28
CA ASP A 22 4.35 0.41 8.18
C ASP A 22 3.91 0.22 9.63
N ALA A 23 2.63 -0.06 9.83
CA ALA A 23 2.09 -0.25 11.17
C ALA A 23 1.55 -1.67 11.34
N VAL A 24 1.15 -2.28 10.23
CA VAL A 24 0.62 -3.63 10.26
C VAL A 24 1.74 -4.67 10.41
N ALA A 25 2.90 -4.35 9.88
CA ALA A 25 4.05 -5.25 9.96
C ALA A 25 4.37 -5.60 11.41
N SER A 26 3.96 -4.73 12.32
CA SER A 26 4.20 -4.94 13.75
C SER A 26 3.30 -6.05 14.30
N GLY A 27 2.08 -6.13 13.78
CA GLY A 27 1.14 -7.14 14.22
C GLY A 27 -0.28 -6.85 13.80
N ALA A 28 -0.57 -7.08 12.51
CA ALA A 28 -1.89 -6.84 11.97
C ALA A 28 -2.19 -7.76 10.79
N SER A 29 -3.21 -8.59 10.94
CA SER A 29 -3.59 -9.53 9.89
C SER A 29 -4.59 -8.89 8.93
N LEU A 30 -4.27 -7.70 8.46
CA LEU A 30 -5.13 -6.97 7.53
C LEU A 30 -5.46 -7.84 6.32
N GLY A 31 -6.68 -7.69 5.81
CA GLY A 31 -7.10 -8.45 4.65
C GLY A 31 -8.48 -8.06 4.15
N THR A 32 -9.35 -7.68 5.08
CA THR A 32 -10.71 -7.27 4.73
C THR A 32 -10.81 -5.76 4.59
N ALA A 33 -9.90 -5.05 5.24
CA ALA A 33 -9.88 -3.60 5.19
C ALA A 33 -8.98 -3.10 4.07
N PHE A 34 -7.98 -3.89 3.73
CA PHE A 34 -7.03 -3.54 2.67
C PHE A 34 -7.77 -3.27 1.36
N ALA A 35 -8.95 -3.88 1.20
CA ALA A 35 -9.74 -3.71 0.01
C ALA A 35 -10.57 -2.43 0.07
N ALA A 36 -10.75 -1.91 1.27
CA ALA A 36 -11.53 -0.70 1.48
C ALA A 36 -10.67 0.54 1.23
N ILE A 37 -9.37 0.34 1.09
CA ILE A 37 -8.44 1.44 0.85
C ILE A 37 -7.90 1.40 -0.59
N LEU A 38 -7.87 0.21 -1.17
CA LEU A 38 -7.38 0.03 -2.53
C LEU A 38 -8.53 -0.26 -3.49
N GLY A 39 -9.70 -0.57 -2.93
CA GLY A 39 -10.86 -0.87 -3.75
C GLY A 39 -11.69 0.36 -4.03
N VAL A 40 -11.20 1.53 -3.61
CA VAL A 40 -11.92 2.78 -3.83
C VAL A 40 -11.27 3.60 -4.93
N THR A 41 -9.94 3.57 -4.98
CA THR A 41 -9.20 4.32 -5.99
C THR A 41 -8.27 3.39 -6.78
N LEU A 42 -7.69 2.42 -6.10
CA LEU A 42 -6.78 1.47 -6.74
C LEU A 42 -7.56 0.37 -7.45
N PRO A 43 -6.88 -0.36 -8.34
CA PRO A 43 -7.48 -1.45 -9.11
C PRO A 43 -7.81 -2.66 -8.24
N ALA A 44 -8.18 -3.75 -8.88
CA ALA A 44 -8.53 -4.98 -8.16
C ALA A 44 -7.35 -5.95 -8.15
N TRP A 45 -6.58 -5.94 -9.21
CA TRP A 45 -5.42 -6.83 -9.33
C TRP A 45 -4.35 -6.46 -8.30
N ALA A 46 -4.31 -5.19 -7.93
CA ALA A 46 -3.33 -4.70 -6.96
C ALA A 46 -3.36 -5.55 -5.70
N LEU A 47 -4.56 -5.90 -5.24
CA LEU A 47 -4.71 -6.72 -4.04
C LEU A 47 -3.88 -7.99 -4.13
N ALA A 48 -3.85 -8.60 -5.31
CA ALA A 48 -3.08 -9.82 -5.53
C ALA A 48 -1.61 -9.50 -5.76
N ALA A 49 -1.33 -8.28 -6.23
CA ALA A 49 0.03 -7.86 -6.50
C ALA A 49 0.79 -7.60 -5.21
N ALA A 50 0.05 -7.36 -4.13
CA ALA A 50 0.66 -7.10 -2.83
C ALA A 50 1.67 -8.19 -2.47
N GLY A 51 1.43 -9.40 -2.95
CA GLY A 51 2.32 -10.50 -2.67
C GLY A 51 3.73 -10.26 -3.16
N ALA A 52 3.94 -10.42 -4.46
CA ALA A 52 5.25 -10.21 -5.06
C ALA A 52 5.18 -10.25 -6.58
N LEU A 53 5.33 -9.09 -7.21
CA LEU A 53 5.28 -8.99 -8.66
C LEU A 53 6.45 -8.16 -9.19
N GLY A 54 6.35 -6.84 -9.01
CA GLY A 54 7.41 -5.96 -9.48
C GLY A 54 7.86 -4.98 -8.41
N ALA A 55 7.33 -3.76 -8.48
CA ALA A 55 7.67 -2.73 -7.51
C ALA A 55 7.03 -3.01 -6.16
N THR A 56 7.63 -3.94 -5.41
CA THR A 56 7.11 -4.30 -4.09
C THR A 56 7.79 -3.49 -3.00
N ALA A 57 9.00 -3.02 -3.28
CA ALA A 57 9.76 -2.23 -2.32
C ALA A 57 10.10 -0.86 -2.88
N ALA A 58 9.84 -0.67 -4.17
CA ALA A 58 10.11 0.60 -4.83
C ALA A 58 9.28 1.73 -4.23
N ILE A 1 6.55 1.29 -4.00
CA ILE A 1 5.67 2.27 -3.38
C ILE A 1 6.27 2.81 -2.09
N TYR A 2 7.15 2.02 -1.47
CA TYR A 2 7.79 2.43 -0.23
C TYR A 2 8.88 3.47 -0.49
N TRP A 3 9.16 3.72 -1.76
CA TRP A 3 10.17 4.70 -2.14
C TRP A 3 9.54 5.94 -2.75
N ILE A 4 8.42 5.74 -3.45
CA ILE A 4 7.72 6.86 -4.07
C ILE A 4 6.94 7.67 -3.05
N ALA A 5 6.43 6.99 -2.02
CA ALA A 5 5.67 7.65 -0.97
C ALA A 5 6.56 8.57 -0.15
N ASP A 6 7.87 8.37 -0.25
CA ASP A 6 8.83 9.19 0.48
C ASP A 6 9.28 10.37 -0.37
N GLN A 7 9.93 10.08 -1.49
CA GLN A 7 10.41 11.13 -2.39
C GLN A 7 9.26 11.98 -2.90
N PHE A 8 8.35 11.37 -3.63
CA PHE A 8 7.20 12.09 -4.18
C PHE A 8 6.14 12.31 -3.11
N GLY A 9 5.47 11.22 -2.71
CA GLY A 9 4.44 11.32 -1.69
C GLY A 9 3.38 12.35 -2.04
N ILE A 10 2.43 11.95 -2.87
CA ILE A 10 1.35 12.84 -3.28
C ILE A 10 0.10 12.63 -2.44
N HIS A 11 -0.59 11.51 -2.67
CA HIS A 11 -1.79 11.18 -1.93
C HIS A 11 -1.59 9.90 -1.10
N LEU A 12 -0.71 9.04 -1.57
CA LEU A 12 -0.43 7.79 -0.88
C LEU A 12 -0.11 8.03 0.60
N ALA A 13 1.04 8.66 0.85
CA ALA A 13 1.45 8.96 2.21
C ALA A 13 0.82 10.26 2.70
N THR A 14 -0.51 10.31 2.67
CA THR A 14 -1.23 11.50 3.11
C THR A 14 -1.64 11.38 4.58
N GLY A 15 -0.77 10.76 5.38
CA GLY A 15 -1.06 10.59 6.79
C GLY A 15 -1.76 9.29 7.09
N THR A 16 -2.73 8.93 6.26
CA THR A 16 -3.49 7.69 6.44
C THR A 16 -2.60 6.48 6.20
N ALA A 17 -2.17 6.31 4.95
CA ALA A 17 -1.32 5.17 4.59
C ALA A 17 -0.12 5.08 5.53
N ARG A 18 0.33 6.22 6.03
CA ARG A 18 1.48 6.25 6.94
C ARG A 18 1.25 5.34 8.14
N LYS A 19 0.04 5.38 8.68
CA LYS A 19 -0.31 4.54 9.84
C LYS A 19 -0.51 3.10 9.42
N LEU A 20 -0.84 2.89 8.15
CA LEU A 20 -1.06 1.54 7.62
C LEU A 20 0.26 0.83 7.41
N LEU A 21 1.22 1.53 6.80
CA LEU A 21 2.53 0.95 6.53
C LEU A 21 3.20 0.50 7.82
N ASP A 22 2.74 1.04 8.95
CA ASP A 22 3.29 0.70 10.25
C ASP A 22 2.58 -0.51 10.84
N ALA A 23 1.74 -1.14 10.03
CA ALA A 23 0.99 -2.32 10.48
C ALA A 23 1.01 -3.41 9.42
N VAL A 24 0.75 -3.03 8.18
CA VAL A 24 0.73 -3.98 7.07
C VAL A 24 2.09 -4.67 6.91
N ALA A 25 3.15 -3.92 7.21
CA ALA A 25 4.50 -4.47 7.10
C ALA A 25 4.67 -5.69 7.98
N SER A 26 3.82 -5.82 8.99
CA SER A 26 3.87 -6.96 9.91
C SER A 26 2.87 -8.04 9.50
N GLY A 27 1.87 -7.64 8.72
CA GLY A 27 0.86 -8.58 8.28
C GLY A 27 0.49 -8.40 6.82
N ALA A 28 -0.17 -7.29 6.53
CA ALA A 28 -0.58 -6.98 5.15
C ALA A 28 -1.46 -8.09 4.60
N SER A 29 -2.65 -8.24 5.17
CA SER A 29 -3.59 -9.27 4.74
C SER A 29 -5.03 -8.86 5.07
N LEU A 30 -5.26 -7.57 5.21
CA LEU A 30 -6.58 -7.05 5.54
C LEU A 30 -7.62 -7.59 4.56
N GLY A 31 -7.64 -7.05 3.35
CA GLY A 31 -8.58 -7.48 2.34
C GLY A 31 -9.78 -6.56 2.23
N THR A 32 -9.86 -5.58 3.12
CA THR A 32 -10.96 -4.62 3.13
C THR A 32 -10.45 -3.19 3.18
N ALA A 33 -9.43 -2.96 4.00
CA ALA A 33 -8.85 -1.64 4.14
C ALA A 33 -7.69 -1.44 3.15
N PHE A 34 -7.07 -2.55 2.75
CA PHE A 34 -5.95 -2.50 1.81
C PHE A 34 -6.43 -2.14 0.42
N ALA A 35 -7.57 -2.69 0.02
CA ALA A 35 -8.14 -2.42 -1.30
C ALA A 35 -8.72 -1.02 -1.37
N ALA A 36 -9.03 -0.45 -0.21
CA ALA A 36 -9.60 0.90 -0.13
C ALA A 36 -8.50 1.95 -0.25
N ILE A 37 -7.27 1.56 0.02
CA ILE A 37 -6.14 2.47 -0.05
C ILE A 37 -5.36 2.28 -1.35
N LEU A 38 -5.50 1.11 -1.94
CA LEU A 38 -4.81 0.79 -3.19
C LEU A 38 -5.74 0.92 -4.39
N GLY A 39 -6.90 1.54 -4.16
CA GLY A 39 -7.86 1.73 -5.22
C GLY A 39 -7.93 3.16 -5.72
N VAL A 40 -7.35 4.07 -4.94
CA VAL A 40 -7.34 5.48 -5.30
C VAL A 40 -6.38 5.76 -6.44
N THR A 41 -5.30 4.98 -6.51
CA THR A 41 -4.30 5.13 -7.55
C THR A 41 -3.81 3.78 -8.06
N LEU A 42 -3.59 2.86 -7.13
CA LEU A 42 -3.11 1.52 -7.46
C LEU A 42 -4.22 0.72 -8.14
N PRO A 43 -3.82 -0.35 -8.85
CA PRO A 43 -4.76 -1.23 -9.55
C PRO A 43 -5.59 -2.07 -8.60
N ALA A 44 -6.33 -3.03 -9.14
CA ALA A 44 -7.17 -3.90 -8.34
C ALA A 44 -6.56 -5.29 -8.22
N TRP A 45 -5.76 -5.67 -9.20
CA TRP A 45 -5.12 -6.98 -9.22
C TRP A 45 -4.02 -7.05 -8.17
N ALA A 46 -3.38 -5.91 -7.90
CA ALA A 46 -2.32 -5.84 -6.90
C ALA A 46 -2.76 -6.43 -5.57
N LEU A 47 -4.07 -6.35 -5.30
CA LEU A 47 -4.62 -6.89 -4.07
C LEU A 47 -4.45 -8.40 -3.98
N ALA A 48 -4.51 -9.05 -5.14
CA ALA A 48 -4.36 -10.50 -5.21
C ALA A 48 -2.88 -10.89 -5.19
N ALA A 49 -2.02 -9.98 -5.66
CA ALA A 49 -0.59 -10.24 -5.69
C ALA A 49 0.05 -9.99 -4.33
N ALA A 50 -0.47 -9.01 -3.60
CA ALA A 50 0.05 -8.68 -2.28
C ALA A 50 0.11 -9.91 -1.39
N GLY A 51 -0.79 -10.86 -1.64
CA GLY A 51 -0.83 -12.08 -0.84
C GLY A 51 0.44 -12.90 -1.00
N ALA A 52 0.93 -13.00 -2.23
CA ALA A 52 2.14 -13.76 -2.50
C ALA A 52 3.34 -12.85 -2.67
N LEU A 53 3.36 -12.09 -3.77
CA LEU A 53 4.46 -11.16 -4.05
C LEU A 53 4.02 -10.10 -5.04
N GLY A 54 4.51 -8.88 -4.84
CA GLY A 54 4.17 -7.78 -5.74
C GLY A 54 5.13 -6.63 -5.64
N ALA A 55 4.64 -5.48 -5.18
CA ALA A 55 5.46 -4.29 -5.05
C ALA A 55 6.68 -4.58 -4.17
N THR A 56 7.86 -4.59 -4.79
CA THR A 56 9.09 -4.85 -4.07
C THR A 56 9.58 -3.59 -3.35
N ALA A 57 8.74 -3.04 -2.49
CA ALA A 57 9.09 -1.84 -1.74
C ALA A 57 9.23 -0.63 -2.65
N ALA A 58 8.59 -0.70 -3.82
CA ALA A 58 8.65 0.39 -4.78
C ALA A 58 7.83 1.58 -4.32
N ILE A 1 7.26 -0.78 -3.47
CA ILE A 1 6.38 0.31 -3.05
C ILE A 1 7.07 1.20 -2.02
N TYR A 2 7.96 0.61 -1.24
CA TYR A 2 8.69 1.36 -0.23
C TYR A 2 9.82 2.17 -0.83
N TRP A 3 10.04 1.99 -2.13
CA TRP A 3 11.10 2.70 -2.84
C TRP A 3 10.50 3.77 -3.75
N ILE A 4 9.30 3.52 -4.26
CA ILE A 4 8.63 4.47 -5.14
C ILE A 4 8.08 5.66 -4.35
N ALA A 5 7.65 5.41 -3.12
CA ALA A 5 7.12 6.46 -2.27
C ALA A 5 8.19 7.49 -1.93
N ASP A 6 9.44 7.12 -2.16
CA ASP A 6 10.56 8.02 -1.87
C ASP A 6 10.90 8.88 -3.09
N GLN A 7 11.50 8.25 -4.09
CA GLN A 7 11.88 8.96 -5.32
C GLN A 7 10.69 9.73 -5.89
N PHE A 8 9.65 8.98 -6.28
CA PHE A 8 8.46 9.60 -6.85
C PHE A 8 7.56 10.17 -5.75
N GLY A 9 6.96 9.28 -4.97
CA GLY A 9 6.08 9.73 -3.90
C GLY A 9 4.67 10.00 -4.37
N ILE A 10 3.85 8.96 -4.43
CA ILE A 10 2.47 9.10 -4.88
C ILE A 10 1.50 8.59 -3.82
N HIS A 11 1.51 9.24 -2.65
CA HIS A 11 0.62 8.84 -1.56
C HIS A 11 0.27 10.05 -0.69
N LEU A 12 -0.95 10.54 -0.83
CA LEU A 12 -1.41 11.69 -0.06
C LEU A 12 -2.44 11.26 0.99
N ALA A 13 -2.45 9.97 1.30
CA ALA A 13 -3.39 9.44 2.30
C ALA A 13 -2.74 9.40 3.68
N THR A 14 -2.34 10.58 4.17
CA THR A 14 -1.71 10.68 5.48
C THR A 14 -2.74 11.02 6.56
N GLY A 15 -3.95 10.48 6.41
CA GLY A 15 -5.00 10.73 7.38
C GLY A 15 -5.57 9.46 7.95
N THR A 16 -5.86 8.49 7.09
CA THR A 16 -6.41 7.21 7.53
C THR A 16 -5.46 6.05 7.21
N ALA A 17 -4.65 6.23 6.17
CA ALA A 17 -3.69 5.21 5.77
C ALA A 17 -2.54 5.11 6.76
N ARG A 18 -2.28 6.20 7.47
CA ARG A 18 -1.20 6.24 8.45
C ARG A 18 -1.37 5.13 9.48
N LYS A 19 -2.59 4.96 9.97
CA LYS A 19 -2.88 3.94 10.96
C LYS A 19 -2.64 2.54 10.39
N LEU A 20 -2.56 2.45 9.07
CA LEU A 20 -2.34 1.18 8.40
C LEU A 20 -0.85 0.97 8.14
N LEU A 21 -0.19 1.99 7.60
CA LEU A 21 1.22 1.92 7.29
C LEU A 21 2.03 1.62 8.56
N ASP A 22 1.51 2.06 9.69
CA ASP A 22 2.19 1.85 10.97
C ASP A 22 1.79 0.50 11.58
N ALA A 23 1.06 -0.30 10.81
CA ALA A 23 0.61 -1.61 11.26
C ALA A 23 1.05 -2.70 10.29
N VAL A 24 1.08 -2.36 9.01
CA VAL A 24 1.47 -3.32 7.98
C VAL A 24 2.97 -3.57 8.01
N ALA A 25 3.73 -2.59 8.49
CA ALA A 25 5.17 -2.70 8.59
C ALA A 25 5.58 -3.68 9.69
N SER A 26 4.60 -4.10 10.49
CA SER A 26 4.85 -5.03 11.58
C SER A 26 4.14 -6.35 11.34
N GLY A 27 3.41 -6.43 10.23
CA GLY A 27 2.69 -7.65 9.92
C GLY A 27 2.51 -7.84 8.42
N ALA A 28 1.86 -6.88 7.78
CA ALA A 28 1.63 -6.94 6.34
C ALA A 28 0.82 -8.18 5.97
N SER A 29 -0.34 -8.34 6.59
CA SER A 29 -1.20 -9.49 6.33
C SER A 29 -2.56 -9.03 5.80
N LEU A 30 -2.99 -7.86 6.23
CA LEU A 30 -4.28 -7.31 5.80
C LEU A 30 -4.39 -7.33 4.27
N GLY A 31 -5.61 -7.53 3.78
CA GLY A 31 -5.83 -7.56 2.35
C GLY A 31 -6.97 -6.66 1.92
N THR A 32 -7.99 -6.55 2.76
CA THR A 32 -9.14 -5.71 2.45
C THR A 32 -8.88 -4.25 2.83
N ALA A 33 -8.41 -4.04 4.05
CA ALA A 33 -8.11 -2.69 4.53
C ALA A 33 -7.19 -1.96 3.56
N PHE A 34 -6.23 -2.69 3.00
CA PHE A 34 -5.28 -2.10 2.06
C PHE A 34 -5.95 -1.79 0.73
N ALA A 35 -6.97 -2.58 0.39
CA ALA A 35 -7.70 -2.39 -0.86
C ALA A 35 -8.72 -1.27 -0.73
N ALA A 36 -9.13 -0.98 0.50
CA ALA A 36 -10.11 0.07 0.76
C ALA A 36 -9.46 1.44 0.72
N ILE A 37 -8.13 1.46 0.74
CA ILE A 37 -7.39 2.72 0.70
C ILE A 37 -6.72 2.93 -0.65
N LEU A 38 -6.39 1.82 -1.32
CA LEU A 38 -5.76 1.88 -2.62
C LEU A 38 -6.79 1.86 -3.75
N GLY A 39 -8.05 2.05 -3.37
CA GLY A 39 -9.13 2.05 -4.35
C GLY A 39 -9.68 3.45 -4.61
N VAL A 40 -9.34 4.39 -3.73
CA VAL A 40 -9.81 5.76 -3.86
C VAL A 40 -9.07 6.48 -4.98
N THR A 41 -7.80 6.12 -5.18
CA THR A 41 -6.98 6.72 -6.22
C THR A 41 -6.16 5.67 -6.95
N LEU A 42 -5.61 4.72 -6.21
CA LEU A 42 -4.80 3.67 -6.80
C LEU A 42 -5.68 2.66 -7.54
N PRO A 43 -5.05 1.88 -8.44
CA PRO A 43 -5.75 0.87 -9.23
C PRO A 43 -6.21 -0.31 -8.38
N ALA A 44 -6.68 -1.36 -9.05
CA ALA A 44 -7.15 -2.56 -8.36
C ALA A 44 -6.16 -3.71 -8.52
N TRP A 45 -5.37 -3.66 -9.59
CA TRP A 45 -4.38 -4.69 -9.86
C TRP A 45 -3.21 -4.58 -8.90
N ALA A 46 -2.93 -3.36 -8.44
CA ALA A 46 -1.83 -3.13 -7.52
C ALA A 46 -1.90 -4.06 -6.32
N LEU A 47 -3.13 -4.45 -5.95
CA LEU A 47 -3.34 -5.34 -4.82
C LEU A 47 -2.80 -6.74 -5.12
N ALA A 48 -3.08 -7.22 -6.33
CA ALA A 48 -2.62 -8.54 -6.75
C ALA A 48 -1.14 -8.53 -7.09
N ALA A 49 -0.62 -7.37 -7.46
CA ALA A 49 0.79 -7.23 -7.81
C ALA A 49 1.67 -7.37 -6.57
N ALA A 50 1.09 -7.09 -5.40
CA ALA A 50 1.82 -7.19 -4.14
C ALA A 50 1.80 -8.62 -3.61
N GLY A 51 0.76 -9.37 -3.96
CA GLY A 51 0.64 -10.74 -3.50
C GLY A 51 1.26 -11.73 -4.48
N ALA A 52 0.88 -11.64 -5.74
CA ALA A 52 1.41 -12.53 -6.77
C ALA A 52 2.93 -12.43 -6.84
N LEU A 53 3.43 -11.23 -7.05
CA LEU A 53 4.87 -11.01 -7.14
C LEU A 53 5.51 -10.98 -5.75
N GLY A 54 5.00 -10.11 -4.88
CA GLY A 54 5.52 -10.00 -3.54
C GLY A 54 5.94 -8.58 -3.19
N ALA A 55 6.45 -7.87 -4.18
CA ALA A 55 6.89 -6.49 -3.97
C ALA A 55 7.92 -6.41 -2.85
N THR A 56 9.18 -6.63 -3.19
CA THR A 56 10.26 -6.58 -2.20
C THR A 56 10.60 -5.15 -1.83
N ALA A 57 9.69 -4.51 -1.09
CA ALA A 57 9.89 -3.13 -0.66
C ALA A 57 9.92 -2.18 -1.85
N ALA A 58 9.36 -2.63 -2.97
CA ALA A 58 9.31 -1.82 -4.18
C ALA A 58 8.48 -0.56 -3.96
N ILE A 1 6.08 0.91 -3.90
CA ILE A 1 5.37 2.06 -3.37
C ILE A 1 6.18 2.76 -2.29
N TYR A 2 7.01 2.00 -1.59
CA TYR A 2 7.85 2.54 -0.53
C TYR A 2 8.89 3.50 -1.10
N TRP A 3 9.06 3.48 -2.42
CA TRP A 3 10.02 4.35 -3.08
C TRP A 3 9.31 5.44 -3.88
N ILE A 4 8.17 5.09 -4.45
CA ILE A 4 7.38 6.03 -5.24
C ILE A 4 6.69 7.05 -4.34
N ALA A 5 6.28 6.61 -3.16
CA ALA A 5 5.61 7.48 -2.21
C ALA A 5 6.55 8.57 -1.68
N ASP A 6 7.84 8.34 -1.84
CA ASP A 6 8.85 9.29 -1.38
C ASP A 6 9.19 10.28 -2.48
N GLN A 7 9.81 9.77 -3.55
CA GLN A 7 10.20 10.61 -4.68
C GLN A 7 8.99 11.34 -5.25
N PHE A 8 8.03 10.59 -5.76
CA PHE A 8 6.82 11.16 -6.34
C PHE A 8 5.86 11.62 -5.25
N GLY A 9 5.26 10.65 -4.55
CA GLY A 9 4.32 10.96 -3.49
C GLY A 9 3.04 11.58 -4.01
N ILE A 10 2.10 10.73 -4.40
CA ILE A 10 0.82 11.20 -4.91
C ILE A 10 -0.33 10.83 -3.97
N HIS A 11 -1.12 11.83 -3.60
CA HIS A 11 -2.25 11.62 -2.70
C HIS A 11 -1.81 10.88 -1.44
N LEU A 12 -0.62 11.21 -0.95
CA LEU A 12 -0.09 10.59 0.25
C LEU A 12 -1.08 10.69 1.41
N ALA A 13 -1.35 9.55 2.05
CA ALA A 13 -2.28 9.51 3.17
C ALA A 13 -1.53 9.45 4.50
N THR A 14 -1.04 10.60 4.95
CA THR A 14 -0.30 10.69 6.20
C THR A 14 -1.20 10.34 7.39
N GLY A 15 -2.50 10.35 7.15
CA GLY A 15 -3.45 10.02 8.22
C GLY A 15 -3.96 8.60 8.12
N THR A 16 -3.73 7.97 6.99
CA THR A 16 -4.18 6.60 6.78
C THR A 16 -3.00 5.66 6.53
N ALA A 17 -2.35 5.83 5.38
CA ALA A 17 -1.20 5.01 5.02
C ALA A 17 -0.18 4.97 6.15
N ARG A 18 0.17 6.15 6.66
CA ARG A 18 1.14 6.25 7.75
C ARG A 18 0.74 5.37 8.92
N LYS A 19 -0.52 5.47 9.33
CA LYS A 19 -1.02 4.67 10.44
C LYS A 19 -1.13 3.20 10.06
N LEU A 20 -1.25 2.94 8.77
CA LEU A 20 -1.36 1.58 8.26
C LEU A 20 -0.01 0.88 8.28
N LEU A 21 1.02 1.59 7.84
CA LEU A 21 2.37 1.04 7.81
C LEU A 21 2.83 0.64 9.21
N ASP A 22 2.17 1.18 10.22
CA ASP A 22 2.50 0.87 11.60
C ASP A 22 1.78 -0.39 12.08
N ALA A 23 1.09 -1.04 11.15
CA ALA A 23 0.34 -2.26 11.47
C ALA A 23 0.58 -3.34 10.41
N VAL A 24 0.44 -2.96 9.14
CA VAL A 24 0.64 -3.89 8.04
C VAL A 24 2.04 -4.48 8.07
N ALA A 25 3.00 -3.69 8.54
CA ALA A 25 4.39 -4.13 8.62
C ALA A 25 4.53 -5.34 9.54
N SER A 26 3.52 -5.56 10.37
CA SER A 26 3.53 -6.68 11.32
C SER A 26 2.74 -7.86 10.76
N GLY A 27 1.84 -7.57 9.81
CA GLY A 27 1.03 -8.62 9.21
C GLY A 27 -0.28 -8.10 8.68
N ALA A 28 -0.24 -7.51 7.49
CA ALA A 28 -1.44 -6.97 6.85
C ALA A 28 -2.41 -8.09 6.48
N SER A 29 -2.13 -8.77 5.37
CA SER A 29 -2.99 -9.84 4.90
C SER A 29 -4.42 -9.36 4.69
N LEU A 30 -4.57 -8.04 4.52
CA LEU A 30 -5.88 -7.45 4.30
C LEU A 30 -6.34 -7.63 2.86
N GLY A 31 -7.64 -7.81 2.67
CA GLY A 31 -8.17 -7.99 1.33
C GLY A 31 -9.20 -6.94 0.98
N THR A 32 -9.75 -6.28 1.99
CA THR A 32 -10.76 -5.24 1.77
C THR A 32 -10.22 -3.87 2.15
N ALA A 33 -9.49 -3.80 3.27
CA ALA A 33 -8.92 -2.55 3.74
C ALA A 33 -7.68 -2.17 2.92
N PHE A 34 -7.04 -3.17 2.33
CA PHE A 34 -5.85 -2.95 1.52
C PHE A 34 -6.22 -2.45 0.12
N ALA A 35 -7.37 -2.90 -0.37
CA ALA A 35 -7.83 -2.52 -1.69
C ALA A 35 -8.43 -1.11 -1.67
N ALA A 36 -8.90 -0.69 -0.50
CA ALA A 36 -9.48 0.64 -0.35
C ALA A 36 -8.40 1.71 -0.25
N ILE A 37 -7.18 1.29 0.04
CA ILE A 37 -6.05 2.21 0.16
C ILE A 37 -5.17 2.18 -1.09
N LEU A 38 -5.20 1.06 -1.79
CA LEU A 38 -4.41 0.90 -3.01
C LEU A 38 -5.26 1.14 -4.25
N GLY A 39 -6.41 1.78 -4.05
CA GLY A 39 -7.31 2.07 -5.16
C GLY A 39 -7.34 3.55 -5.49
N VAL A 40 -6.82 4.37 -4.60
CA VAL A 40 -6.79 5.81 -4.81
C VAL A 40 -5.74 6.20 -5.84
N THR A 41 -4.65 5.43 -5.88
CA THR A 41 -3.57 5.71 -6.82
C THR A 41 -3.04 4.41 -7.43
N LEU A 42 -2.90 3.38 -6.60
CA LEU A 42 -2.41 2.09 -7.05
C LEU A 42 -3.47 1.36 -7.88
N PRO A 43 -3.02 0.39 -8.69
CA PRO A 43 -3.92 -0.41 -9.53
C PRO A 43 -4.81 -1.35 -8.72
N ALA A 44 -5.50 -2.24 -9.42
CA ALA A 44 -6.39 -3.20 -8.76
C ALA A 44 -5.78 -4.59 -8.75
N TRP A 45 -4.93 -4.86 -9.74
CA TRP A 45 -4.28 -6.17 -9.85
C TRP A 45 -3.24 -6.35 -8.75
N ALA A 46 -2.64 -5.23 -8.32
CA ALA A 46 -1.63 -5.26 -7.28
C ALA A 46 -2.15 -5.98 -6.03
N LEU A 47 -3.46 -5.94 -5.84
CA LEU A 47 -4.09 -6.57 -4.68
C LEU A 47 -3.95 -8.09 -4.75
N ALA A 48 -4.09 -8.64 -5.95
CA ALA A 48 -3.97 -10.08 -6.15
C ALA A 48 -2.51 -10.50 -6.22
N ALA A 49 -1.64 -9.58 -6.62
CA ALA A 49 -0.22 -9.85 -6.72
C ALA A 49 0.42 -9.98 -5.35
N ALA A 50 -0.20 -9.35 -4.35
CA ALA A 50 0.30 -9.40 -2.98
C ALA A 50 0.50 -10.84 -2.51
N GLY A 51 -0.30 -11.74 -3.08
CA GLY A 51 -0.20 -13.15 -2.70
C GLY A 51 1.21 -13.68 -2.80
N ALA A 52 1.99 -13.13 -3.73
CA ALA A 52 3.37 -13.56 -3.92
C ALA A 52 4.34 -12.44 -3.54
N LEU A 53 4.43 -11.43 -4.39
CA LEU A 53 5.32 -10.30 -4.15
C LEU A 53 4.53 -9.02 -3.88
N GLY A 54 3.85 -8.52 -4.92
CA GLY A 54 3.07 -7.31 -4.77
C GLY A 54 3.90 -6.06 -4.83
N ALA A 55 3.81 -5.23 -3.80
CA ALA A 55 4.57 -3.99 -3.74
C ALA A 55 6.05 -4.27 -3.49
N THR A 56 6.33 -5.32 -2.73
CA THR A 56 7.70 -5.68 -2.41
C THR A 56 8.58 -4.45 -2.22
N ALA A 57 8.05 -3.47 -1.48
CA ALA A 57 8.79 -2.24 -1.23
C ALA A 57 9.03 -1.46 -2.52
N ALA A 58 7.95 -1.11 -3.20
CA ALA A 58 8.04 -0.37 -4.46
C ALA A 58 7.34 0.98 -4.34
N ILE A 1 6.28 1.06 -3.88
CA ILE A 1 5.58 2.15 -3.20
C ILE A 1 6.46 2.79 -2.13
N TYR A 2 7.37 2.01 -1.58
CA TYR A 2 8.27 2.50 -0.55
C TYR A 2 9.42 3.32 -1.15
N TRP A 3 9.44 3.40 -2.47
CA TRP A 3 10.47 4.13 -3.18
C TRP A 3 9.90 5.38 -3.83
N ILE A 4 8.67 5.29 -4.31
CA ILE A 4 8.00 6.41 -4.96
C ILE A 4 7.63 7.49 -3.94
N ALA A 5 7.16 7.06 -2.76
CA ALA A 5 6.78 7.99 -1.71
C ALA A 5 7.97 8.85 -1.29
N ASP A 6 9.18 8.39 -1.60
CA ASP A 6 10.38 9.12 -1.24
C ASP A 6 10.74 10.14 -2.32
N GLN A 7 11.22 9.63 -3.46
CA GLN A 7 11.59 10.50 -4.58
C GLN A 7 10.46 11.45 -4.94
N PHE A 8 9.34 10.89 -5.38
CA PHE A 8 8.18 11.70 -5.76
C PHE A 8 7.41 12.15 -4.52
N GLY A 9 6.74 11.21 -3.86
CA GLY A 9 5.98 11.53 -2.67
C GLY A 9 4.65 12.19 -3.00
N ILE A 10 3.65 11.38 -3.31
CA ILE A 10 2.33 11.89 -3.64
C ILE A 10 1.52 12.17 -2.38
N HIS A 11 0.77 13.27 -2.39
CA HIS A 11 -0.05 13.65 -1.25
C HIS A 11 -1.32 12.79 -1.20
N LEU A 12 -1.14 11.53 -0.85
CA LEU A 12 -2.27 10.61 -0.75
C LEU A 12 -2.49 10.16 0.69
N ALA A 13 -1.99 10.95 1.63
CA ALA A 13 -2.13 10.64 3.05
C ALA A 13 -3.52 11.02 3.55
N THR A 14 -4.52 10.26 3.13
CA THR A 14 -5.90 10.51 3.54
C THR A 14 -6.01 10.62 5.05
N GLY A 15 -5.13 9.91 5.76
CA GLY A 15 -5.15 9.94 7.21
C GLY A 15 -5.16 8.55 7.82
N THR A 16 -5.55 7.56 7.03
CA THR A 16 -5.61 6.18 7.49
C THR A 16 -4.54 5.34 6.83
N ALA A 17 -4.10 5.75 5.64
CA ALA A 17 -3.07 5.03 4.91
C ALA A 17 -1.78 4.95 5.72
N ARG A 18 -1.34 6.09 6.23
CA ARG A 18 -0.11 6.15 7.02
C ARG A 18 -0.20 5.22 8.24
N LYS A 19 -1.43 4.92 8.65
CA LYS A 19 -1.66 4.05 9.80
C LYS A 19 -1.52 2.59 9.40
N LEU A 20 -1.88 2.28 8.17
CA LEU A 20 -1.80 0.91 7.66
C LEU A 20 -0.35 0.53 7.37
N LEU A 21 0.41 1.48 6.85
CA LEU A 21 1.82 1.25 6.52
C LEU A 21 2.61 0.89 7.77
N ASP A 22 2.04 1.17 8.93
CA ASP A 22 2.70 0.88 10.20
C ASP A 22 2.11 -0.38 10.83
N ALA A 23 1.11 -0.95 10.18
CA ALA A 23 0.46 -2.16 10.67
C ALA A 23 0.63 -3.32 9.70
N VAL A 24 0.91 -3.00 8.45
CA VAL A 24 1.10 -4.01 7.42
C VAL A 24 2.52 -4.55 7.43
N ALA A 25 3.47 -3.70 7.85
CA ALA A 25 4.87 -4.09 7.91
C ALA A 25 5.06 -5.34 8.77
N SER A 26 4.11 -5.58 9.67
CA SER A 26 4.17 -6.74 10.55
C SER A 26 3.52 -7.96 9.90
N GLY A 27 2.60 -7.71 8.96
CA GLY A 27 1.93 -8.79 8.28
C GLY A 27 0.87 -8.29 7.32
N ALA A 28 1.30 -7.82 6.15
CA ALA A 28 0.39 -7.32 5.14
C ALA A 28 -0.38 -8.45 4.47
N SER A 29 -1.46 -8.88 5.11
CA SER A 29 -2.28 -9.97 4.58
C SER A 29 -3.75 -9.59 4.55
N LEU A 30 -4.02 -8.29 4.37
CA LEU A 30 -5.39 -7.80 4.33
C LEU A 30 -5.87 -7.64 2.89
N GLY A 31 -7.13 -7.25 2.73
CA GLY A 31 -7.70 -7.08 1.40
C GLY A 31 -8.53 -5.83 1.28
N THR A 32 -9.23 -5.48 2.36
CA THR A 32 -10.09 -4.30 2.37
C THR A 32 -9.28 -3.05 2.67
N ALA A 33 -8.76 -2.96 3.89
CA ALA A 33 -7.96 -1.81 4.31
C ALA A 33 -6.86 -1.52 3.29
N PHE A 34 -6.31 -2.57 2.71
CA PHE A 34 -5.24 -2.42 1.72
C PHE A 34 -5.80 -1.90 0.39
N ALA A 35 -6.98 -2.39 0.03
CA ALA A 35 -7.62 -1.97 -1.22
C ALA A 35 -8.16 -0.55 -1.10
N ALA A 36 -8.37 -0.09 0.12
CA ALA A 36 -8.88 1.25 0.35
C ALA A 36 -7.77 2.29 0.22
N ILE A 37 -6.52 1.83 0.30
CA ILE A 37 -5.37 2.72 0.18
C ILE A 37 -4.69 2.57 -1.18
N LEU A 38 -4.83 1.38 -1.76
CA LEU A 38 -4.23 1.10 -3.06
C LEU A 38 -5.23 1.28 -4.18
N GLY A 39 -6.35 1.95 -3.88
CA GLY A 39 -7.37 2.18 -4.87
C GLY A 39 -7.45 3.64 -5.30
N VAL A 40 -6.78 4.51 -4.56
CA VAL A 40 -6.77 5.93 -4.87
C VAL A 40 -5.84 6.23 -6.04
N THR A 41 -4.77 5.45 -6.16
CA THR A 41 -3.80 5.63 -7.22
C THR A 41 -3.36 4.29 -7.81
N LEU A 42 -3.15 3.32 -6.93
CA LEU A 42 -2.74 1.98 -7.36
C LEU A 42 -3.89 1.23 -8.00
N PRO A 43 -3.57 0.19 -8.78
CA PRO A 43 -4.57 -0.64 -9.47
C PRO A 43 -5.36 -1.50 -8.49
N ALA A 44 -6.16 -2.41 -9.04
CA ALA A 44 -6.97 -3.31 -8.22
C ALA A 44 -6.39 -4.71 -8.19
N TRP A 45 -5.71 -5.09 -9.27
CA TRP A 45 -5.11 -6.41 -9.36
C TRP A 45 -3.95 -6.55 -8.38
N ALA A 46 -3.24 -5.45 -8.14
CA ALA A 46 -2.11 -5.45 -7.22
C ALA A 46 -2.53 -5.98 -5.84
N LEU A 47 -3.82 -5.83 -5.53
CA LEU A 47 -4.34 -6.28 -4.24
C LEU A 47 -4.32 -7.80 -4.15
N ALA A 48 -4.57 -8.46 -5.28
CA ALA A 48 -4.58 -9.92 -5.33
C ALA A 48 -3.17 -10.47 -5.16
N ALA A 49 -2.17 -9.68 -5.53
CA ALA A 49 -0.78 -10.10 -5.41
C ALA A 49 -0.26 -9.89 -3.99
N ALA A 50 -0.87 -8.94 -3.28
CA ALA A 50 -0.46 -8.64 -1.91
C ALA A 50 -0.53 -9.89 -1.04
N GLY A 51 -1.36 -10.84 -1.43
CA GLY A 51 -1.49 -12.07 -0.66
C GLY A 51 -0.17 -12.74 -0.40
N ALA A 52 0.57 -13.02 -1.47
CA ALA A 52 1.88 -13.66 -1.35
C ALA A 52 3.01 -12.67 -1.59
N LEU A 53 3.00 -12.03 -2.75
CA LEU A 53 4.02 -11.05 -3.09
C LEU A 53 3.47 -9.99 -4.04
N GLY A 54 3.51 -8.74 -3.60
CA GLY A 54 3.01 -7.64 -4.42
C GLY A 54 4.03 -6.54 -4.61
N ALA A 55 3.76 -5.38 -4.03
CA ALA A 55 4.66 -4.24 -4.13
C ALA A 55 6.02 -4.56 -3.52
N THR A 56 7.00 -4.84 -4.38
CA THR A 56 8.35 -5.17 -3.92
C THR A 56 9.10 -3.91 -3.49
N ALA A 57 8.57 -3.23 -2.46
CA ALA A 57 9.20 -2.02 -1.96
C ALA A 57 9.19 -0.91 -3.01
N ALA A 58 8.25 -1.01 -3.95
CA ALA A 58 8.13 -0.01 -5.01
C ALA A 58 7.47 1.26 -4.49
N ILE A 1 8.20 0.94 -3.39
CA ILE A 1 7.15 1.87 -2.99
C ILE A 1 7.60 2.76 -1.84
N TYR A 2 8.45 2.21 -0.98
CA TYR A 2 8.96 2.94 0.17
C TYR A 2 10.08 3.89 -0.26
N TRP A 3 10.45 3.84 -1.54
CA TRP A 3 11.50 4.70 -2.06
C TRP A 3 10.93 5.75 -3.02
N ILE A 4 9.94 5.33 -3.80
CA ILE A 4 9.30 6.23 -4.76
C ILE A 4 8.49 7.30 -4.05
N ALA A 5 7.91 6.94 -2.91
CA ALA A 5 7.10 7.87 -2.13
C ALA A 5 7.96 9.01 -1.56
N ASP A 6 9.27 8.79 -1.53
CA ASP A 6 10.20 9.79 -1.02
C ASP A 6 10.64 10.74 -2.12
N GLN A 7 11.48 10.23 -3.02
CA GLN A 7 11.98 11.04 -4.13
C GLN A 7 10.85 11.68 -4.89
N PHE A 8 9.98 10.86 -5.49
CA PHE A 8 8.84 11.36 -6.25
C PHE A 8 7.73 11.80 -5.33
N GLY A 9 7.08 10.83 -4.68
CA GLY A 9 5.98 11.15 -3.77
C GLY A 9 4.69 11.44 -4.51
N ILE A 10 4.34 10.56 -5.44
CA ILE A 10 3.11 10.72 -6.22
C ILE A 10 1.88 10.51 -5.34
N HIS A 11 1.62 9.27 -4.96
CA HIS A 11 0.48 8.94 -4.12
C HIS A 11 0.91 8.71 -2.68
N LEU A 12 1.45 9.75 -2.06
CA LEU A 12 1.90 9.65 -0.68
C LEU A 12 0.82 9.08 0.22
N ALA A 13 -0.27 9.84 0.38
CA ALA A 13 -1.38 9.41 1.21
C ALA A 13 -0.94 9.17 2.65
N THR A 14 -0.67 10.26 3.37
CA THR A 14 -0.23 10.17 4.75
C THR A 14 -1.39 10.49 5.71
N GLY A 15 -2.60 10.16 5.30
CA GLY A 15 -3.76 10.42 6.13
C GLY A 15 -4.33 9.15 6.74
N THR A 16 -4.46 8.12 5.93
CA THR A 16 -4.99 6.85 6.41
C THR A 16 -4.02 5.69 6.12
N ALA A 17 -3.47 5.68 4.91
CA ALA A 17 -2.53 4.64 4.53
C ALA A 17 -1.35 4.58 5.49
N ARG A 18 -1.03 5.71 6.11
CA ARG A 18 0.07 5.77 7.06
C ARG A 18 -0.13 4.77 8.19
N LYS A 19 -1.29 4.83 8.84
CA LYS A 19 -1.60 3.92 9.94
C LYS A 19 -1.48 2.47 9.50
N LEU A 20 -1.78 2.22 8.22
CA LEU A 20 -1.71 0.87 7.68
C LEU A 20 -0.26 0.44 7.49
N LEU A 21 0.52 1.29 6.84
CA LEU A 21 1.94 0.99 6.59
C LEU A 21 2.69 0.79 7.90
N ASP A 22 2.13 1.32 8.98
CA ASP A 22 2.75 1.18 10.30
C ASP A 22 2.24 -0.07 11.02
N ALA A 23 1.53 -0.92 10.28
CA ALA A 23 0.98 -2.15 10.85
C ALA A 23 1.26 -3.34 9.93
N VAL A 24 1.13 -3.12 8.63
CA VAL A 24 1.36 -4.18 7.65
C VAL A 24 2.81 -4.62 7.66
N ALA A 25 3.70 -3.71 8.06
CA ALA A 25 5.13 -4.02 8.12
C ALA A 25 5.45 -4.93 9.30
N SER A 26 4.44 -5.18 10.14
CA SER A 26 4.63 -6.04 11.30
C SER A 26 3.84 -7.34 11.14
N GLY A 27 2.81 -7.30 10.30
CA GLY A 27 1.99 -8.48 10.08
C GLY A 27 1.77 -8.76 8.61
N ALA A 28 1.33 -7.74 7.87
CA ALA A 28 1.07 -7.88 6.44
C ALA A 28 0.03 -8.96 6.18
N SER A 29 -1.05 -8.94 6.94
CA SER A 29 -2.12 -9.92 6.79
C SER A 29 -3.40 -9.26 6.29
N LEU A 30 -3.26 -8.12 5.63
CA LEU A 30 -4.40 -7.39 5.11
C LEU A 30 -5.13 -8.21 4.05
N GLY A 31 -6.19 -7.63 3.49
CA GLY A 31 -6.96 -8.32 2.47
C GLY A 31 -8.37 -7.78 2.33
N THR A 32 -8.85 -7.13 3.39
CA THR A 32 -10.20 -6.56 3.39
C THR A 32 -10.15 -5.04 3.50
N ALA A 33 -9.12 -4.53 4.17
CA ALA A 33 -8.96 -3.10 4.34
C ALA A 33 -8.07 -2.51 3.26
N PHE A 34 -7.22 -3.34 2.69
CA PHE A 34 -6.30 -2.90 1.63
C PHE A 34 -7.06 -2.60 0.35
N ALA A 35 -8.16 -3.32 0.13
CA ALA A 35 -8.97 -3.13 -1.06
C ALA A 35 -9.86 -1.89 -0.93
N ALA A 36 -10.14 -1.50 0.31
CA ALA A 36 -10.96 -0.33 0.57
C ALA A 36 -10.16 0.96 0.42
N ILE A 37 -8.84 0.82 0.42
CA ILE A 37 -7.96 1.98 0.29
C ILE A 37 -7.39 2.08 -1.12
N LEU A 38 -7.26 0.92 -1.78
CA LEU A 38 -6.72 0.88 -3.13
C LEU A 38 -7.85 0.92 -4.17
N GLY A 39 -9.04 1.29 -3.72
CA GLY A 39 -10.18 1.36 -4.61
C GLY A 39 -10.59 2.79 -4.91
N VAL A 40 -10.08 3.72 -4.12
CA VAL A 40 -10.40 5.13 -4.30
C VAL A 40 -9.68 5.72 -5.51
N THR A 41 -8.49 5.19 -5.78
CA THR A 41 -7.70 5.66 -6.91
C THR A 41 -7.05 4.49 -7.65
N LEU A 42 -6.54 3.52 -6.89
CA LEU A 42 -5.89 2.35 -7.46
C LEU A 42 -6.93 1.41 -8.07
N PRO A 43 -6.47 0.52 -8.97
CA PRO A 43 -7.33 -0.45 -9.65
C PRO A 43 -7.84 -1.53 -8.69
N ALA A 44 -8.46 -2.56 -9.25
CA ALA A 44 -8.99 -3.66 -8.44
C ALA A 44 -8.09 -4.89 -8.54
N TRP A 45 -7.40 -5.03 -9.67
CA TRP A 45 -6.50 -6.15 -9.88
C TRP A 45 -5.29 -6.05 -8.97
N ALA A 46 -4.86 -4.83 -8.68
CA ALA A 46 -3.71 -4.61 -7.81
C ALA A 46 -3.88 -5.32 -6.47
N LEU A 47 -5.13 -5.53 -6.08
CA LEU A 47 -5.43 -6.20 -4.82
C LEU A 47 -5.07 -7.68 -4.89
N ALA A 48 -5.24 -8.28 -6.06
CA ALA A 48 -4.92 -9.68 -6.26
C ALA A 48 -3.42 -9.90 -6.33
N ALA A 49 -2.69 -8.86 -6.74
CA ALA A 49 -1.24 -8.94 -6.86
C ALA A 49 -0.57 -8.57 -5.53
N ALA A 50 -1.25 -7.75 -4.74
CA ALA A 50 -0.72 -7.32 -3.45
C ALA A 50 -0.37 -8.52 -2.58
N GLY A 51 -1.08 -9.62 -2.79
CA GLY A 51 -0.83 -10.82 -2.00
C GLY A 51 0.60 -11.29 -2.10
N ALA A 52 1.12 -11.34 -3.33
CA ALA A 52 2.50 -11.77 -3.56
C ALA A 52 3.25 -10.77 -4.44
N LEU A 53 3.86 -9.78 -3.80
CA LEU A 53 4.61 -8.76 -4.52
C LEU A 53 6.01 -8.62 -3.95
N GLY A 54 6.96 -8.19 -4.79
CA GLY A 54 8.32 -8.02 -4.35
C GLY A 54 8.74 -6.56 -4.29
N ALA A 55 8.01 -5.77 -3.51
CA ALA A 55 8.30 -4.35 -3.37
C ALA A 55 9.71 -4.13 -2.83
N THR A 56 10.15 -5.04 -1.95
CA THR A 56 11.48 -4.94 -1.35
C THR A 56 11.84 -3.49 -1.07
N ALA A 57 10.89 -2.74 -0.51
CA ALA A 57 11.12 -1.34 -0.18
C ALA A 57 11.35 -0.52 -1.44
N ALA A 58 10.39 -0.54 -2.35
CA ALA A 58 10.49 0.21 -3.59
C ALA A 58 9.46 1.34 -3.65
N ILE A 1 8.44 0.14 -2.71
CA ILE A 1 7.28 0.96 -2.42
C ILE A 1 7.63 2.08 -1.45
N TYR A 2 8.54 1.80 -0.53
CA TYR A 2 8.96 2.78 0.46
C TYR A 2 9.93 3.79 -0.15
N TRP A 3 10.29 3.57 -1.41
CA TRP A 3 11.22 4.45 -2.11
C TRP A 3 10.48 5.29 -3.15
N ILE A 4 9.45 4.72 -3.75
CA ILE A 4 8.66 5.42 -4.75
C ILE A 4 7.79 6.49 -4.13
N ALA A 5 7.23 6.17 -2.96
CA ALA A 5 6.37 7.12 -2.25
C ALA A 5 7.12 8.40 -1.92
N ASP A 6 8.44 8.33 -1.93
CA ASP A 6 9.28 9.49 -1.63
C ASP A 6 9.57 10.29 -2.90
N GLN A 7 10.38 9.72 -3.78
CA GLN A 7 10.74 10.40 -5.03
C GLN A 7 9.49 10.81 -5.80
N PHE A 8 8.69 9.83 -6.21
CA PHE A 8 7.46 10.09 -6.95
C PHE A 8 6.35 10.54 -6.02
N GLY A 9 5.84 9.60 -5.22
CA GLY A 9 4.77 9.91 -4.30
C GLY A 9 3.42 10.04 -4.98
N ILE A 10 3.26 9.33 -6.10
CA ILE A 10 2.01 9.36 -6.85
C ILE A 10 0.93 8.56 -6.15
N HIS A 11 -0.21 9.20 -5.92
CA HIS A 11 -1.34 8.53 -5.25
C HIS A 11 -0.90 7.92 -3.93
N LEU A 12 -0.17 8.69 -3.13
CA LEU A 12 0.32 8.21 -1.84
C LEU A 12 -0.78 8.32 -0.78
N ALA A 13 -1.03 9.55 -0.33
CA ALA A 13 -2.05 9.79 0.69
C ALA A 13 -1.75 9.02 1.97
N THR A 14 -0.66 9.39 2.64
CA THR A 14 -0.26 8.73 3.87
C THR A 14 -1.13 9.19 5.05
N GLY A 15 -2.01 10.15 4.78
CA GLY A 15 -2.88 10.66 5.82
C GLY A 15 -3.74 9.57 6.45
N THR A 16 -4.02 8.53 5.67
CA THR A 16 -4.84 7.42 6.15
C THR A 16 -4.04 6.12 6.16
N ALA A 17 -2.97 6.07 5.38
CA ALA A 17 -2.13 4.89 5.30
C ALA A 17 -1.06 4.90 6.38
N ARG A 18 -0.84 6.06 6.99
CA ARG A 18 0.15 6.20 8.04
C ARG A 18 -0.10 5.19 9.16
N LYS A 19 -1.37 4.87 9.37
CA LYS A 19 -1.75 3.91 10.42
C LYS A 19 -1.51 2.48 9.95
N LEU A 20 -1.82 2.21 8.68
CA LEU A 20 -1.63 0.89 8.11
C LEU A 20 -0.16 0.53 8.00
N LEU A 21 0.65 1.50 7.58
CA LEU A 21 2.08 1.29 7.44
C LEU A 21 2.72 0.90 8.77
N ASP A 22 2.01 1.19 9.86
CA ASP A 22 2.50 0.86 11.20
C ASP A 22 2.06 -0.55 11.60
N ALA A 23 1.49 -1.29 10.66
CA ALA A 23 1.03 -2.64 10.91
C ALA A 23 1.42 -3.58 9.79
N VAL A 24 1.20 -3.15 8.55
CA VAL A 24 1.54 -3.95 7.39
C VAL A 24 3.03 -4.27 7.34
N ALA A 25 3.84 -3.34 7.82
CA ALA A 25 5.28 -3.51 7.84
C ALA A 25 5.67 -4.76 8.63
N SER A 26 4.78 -5.19 9.52
CA SER A 26 5.03 -6.37 10.34
C SER A 26 4.16 -7.54 9.89
N GLY A 27 3.48 -7.37 8.77
CA GLY A 27 2.62 -8.41 8.24
C GLY A 27 1.25 -7.91 7.89
N ALA A 28 1.09 -7.46 6.64
CA ALA A 28 -0.19 -6.94 6.18
C ALA A 28 -1.25 -8.03 6.17
N SER A 29 -1.21 -8.89 5.15
CA SER A 29 -2.18 -9.97 5.02
C SER A 29 -3.60 -9.44 5.00
N LEU A 30 -3.73 -8.17 4.64
CA LEU A 30 -5.05 -7.53 4.59
C LEU A 30 -5.84 -8.03 3.38
N GLY A 31 -7.00 -7.43 3.15
CA GLY A 31 -7.84 -7.82 2.03
C GLY A 31 -9.03 -6.91 1.85
N THR A 32 -9.57 -6.40 2.96
CA THR A 32 -10.72 -5.51 2.91
C THR A 32 -10.31 -4.07 3.22
N ALA A 33 -9.25 -3.91 3.98
CA ALA A 33 -8.75 -2.59 4.35
C ALA A 33 -7.79 -2.05 3.29
N PHE A 34 -7.02 -2.94 2.69
CA PHE A 34 -6.06 -2.56 1.66
C PHE A 34 -6.77 -2.02 0.42
N ALA A 35 -7.91 -2.63 0.09
CA ALA A 35 -8.69 -2.21 -1.06
C ALA A 35 -9.45 -0.92 -0.78
N ALA A 36 -9.72 -0.67 0.50
CA ALA A 36 -10.44 0.53 0.91
C ALA A 36 -9.53 1.75 0.89
N ILE A 37 -8.23 1.50 0.87
CA ILE A 37 -7.25 2.59 0.85
C ILE A 37 -6.64 2.75 -0.53
N LEU A 38 -6.72 1.70 -1.34
CA LEU A 38 -6.17 1.73 -2.70
C LEU A 38 -7.29 1.78 -3.72
N GLY A 39 -8.49 2.15 -3.27
CA GLY A 39 -9.62 2.24 -4.17
C GLY A 39 -10.05 3.67 -4.44
N VAL A 40 -9.54 4.59 -3.62
CA VAL A 40 -9.87 6.00 -3.77
C VAL A 40 -9.17 6.61 -4.99
N THR A 41 -7.99 6.08 -5.31
CA THR A 41 -7.22 6.57 -6.44
C THR A 41 -6.58 5.42 -7.20
N LEU A 42 -6.05 4.44 -6.46
CA LEU A 42 -5.39 3.28 -7.06
C LEU A 42 -6.43 2.33 -7.66
N PRO A 43 -5.98 1.47 -8.57
CA PRO A 43 -6.84 0.48 -9.22
C PRO A 43 -7.30 -0.62 -8.27
N ALA A 44 -7.93 -1.65 -8.83
CA ALA A 44 -8.41 -2.77 -8.02
C ALA A 44 -7.51 -3.98 -8.18
N TRP A 45 -6.86 -4.09 -9.33
CA TRP A 45 -5.96 -5.21 -9.60
C TRP A 45 -4.70 -5.12 -8.75
N ALA A 46 -4.33 -3.90 -8.39
CA ALA A 46 -3.14 -3.68 -7.57
C ALA A 46 -3.17 -4.55 -6.32
N LEU A 47 -4.37 -4.85 -5.84
CA LEU A 47 -4.54 -5.67 -4.65
C LEU A 47 -3.96 -7.07 -4.86
N ALA A 48 -4.17 -7.61 -6.07
CA ALA A 48 -3.67 -8.94 -6.40
C ALA A 48 -2.15 -8.96 -6.45
N ALA A 49 -1.55 -7.79 -6.70
CA ALA A 49 -0.10 -7.68 -6.77
C ALA A 49 0.50 -7.53 -5.38
N ALA A 50 -0.30 -7.08 -4.43
CA ALA A 50 0.15 -6.89 -3.06
C ALA A 50 0.18 -8.22 -2.31
N GLY A 51 -0.62 -9.17 -2.78
CA GLY A 51 -0.67 -10.48 -2.13
C GLY A 51 0.70 -11.10 -1.97
N ALA A 52 1.59 -10.83 -2.91
CA ALA A 52 2.94 -11.37 -2.86
C ALA A 52 3.83 -10.73 -3.92
N LEU A 53 4.96 -10.18 -3.49
CA LEU A 53 5.90 -9.53 -4.41
C LEU A 53 7.30 -9.49 -3.82
N GLY A 54 8.25 -8.96 -4.58
CA GLY A 54 9.62 -8.86 -4.12
C GLY A 54 10.03 -7.45 -3.80
N ALA A 55 9.05 -6.60 -3.53
CA ALA A 55 9.30 -5.19 -3.21
C ALA A 55 8.82 -4.84 -1.81
N THR A 56 9.73 -4.89 -0.84
CA THR A 56 9.38 -4.58 0.54
C THR A 56 9.75 -3.13 0.88
N ALA A 57 10.77 -2.61 0.21
CA ALA A 57 11.21 -1.24 0.45
C ALA A 57 11.06 -0.39 -0.81
N ALA A 58 10.90 -1.05 -1.95
CA ALA A 58 10.75 -0.36 -3.22
C ALA A 58 9.60 0.65 -3.16
#